data_6KBW
#
_entry.id   6KBW
#
_cell.length_a   75.543
_cell.length_b   99.372
_cell.length_c   144.925
_cell.angle_alpha   90.000
_cell.angle_beta   90.000
_cell.angle_gamma   90.000
#
_symmetry.space_group_name_H-M   'P 21 21 21'
#
loop_
_entity.id
_entity.type
_entity.pdbx_description
1 polymer 'Trimethylamine monooxygenase'
2 non-polymer 'NADP NICOTINAMIDE-ADENINE-DINUCLEOTIDE PHOSPHATE'
3 non-polymer 'FLAVIN-ADENINE DINUCLEOTIDE'
4 water water
#
_entity_poly.entity_id   1
_entity_poly.type   'polypeptide(L)'
_entity_poly.pdbx_seq_one_letter_code
;MLNLKVGIIGAGPSGLAMLRAFESEQKKGNPIPEIKCYEKQDNWGGMWNYTWRTGVGKYGEPIHGSMYKYLWSNGPKECL
EFSDYTFMEHFKQPISSYPPREVLFDYIQGRIKQSNARDFIKFNTVARWVDYLEDKKQFRVIFDDLVKNETFEEYFDYLV
VGTGHFSTPNMPYFKGIDSFPGTVMHAHDFRGADQFIDKDILLIGSSYSAEDIGVQCFKHGSKSVTISYRTNPIGAKWPK
GIEEKPIVTHFEDNVAHFKDGSKKEYDAVILCTGYQHKFPFLPDNLRLKTKNNLYPDNLYKGVVFNENERLIFLGMQDQY
YTFNMFDTQAWFARDYMLGRIALPNKEIRDKDIAKWVELEKTSVTGEEHVDFQTDYIKELIEMTDYPTFDLDRVAEMFKS
WLNDKETNILNYRDKVYTSVMTGVTAEEHHTPWMKELDDSLERYLDEVEVDELELSKENYYHHHHHH
;
_entity_poly.pdbx_strand_id   A,B
#
# COMPACT_ATOMS: atom_id res chain seq x y z
N MET A 1 -39.16 -0.95 -10.73
CA MET A 1 -37.96 -0.27 -10.25
C MET A 1 -38.15 1.24 -10.37
N LEU A 2 -37.70 1.99 -9.36
CA LEU A 2 -37.69 3.45 -9.45
C LEU A 2 -36.67 3.89 -10.47
N ASN A 3 -36.93 5.02 -11.14
CA ASN A 3 -35.93 5.63 -12.01
C ASN A 3 -34.95 6.42 -11.15
N LEU A 4 -34.06 5.69 -10.49
CA LEU A 4 -33.09 6.29 -9.58
C LEU A 4 -31.98 5.27 -9.49
N LYS A 5 -30.73 5.74 -9.46
CA LYS A 5 -29.60 4.83 -9.44
C LYS A 5 -28.73 5.11 -8.22
N VAL A 6 -28.50 4.10 -7.40
CA VAL A 6 -27.71 4.28 -6.18
C VAL A 6 -26.47 3.44 -6.29
N GLY A 7 -25.31 4.03 -6.00
CA GLY A 7 -24.06 3.30 -6.04
C GLY A 7 -23.57 3.11 -4.62
N ILE A 8 -23.09 1.90 -4.31
CA ILE A 8 -22.58 1.62 -2.98
C ILE A 8 -21.13 1.17 -3.10
N ILE A 9 -20.24 1.86 -2.41
CA ILE A 9 -18.83 1.52 -2.41
C ILE A 9 -18.49 0.76 -1.13
N GLY A 10 -18.21 -0.53 -1.27
CA GLY A 10 -17.88 -1.36 -0.11
C GLY A 10 -18.94 -2.40 0.13
N ALA A 11 -18.49 -3.64 0.32
CA ALA A 11 -19.38 -4.73 0.67
C ALA A 11 -19.00 -5.35 2.02
N GLY A 12 -18.55 -4.51 2.94
CA GLY A 12 -18.39 -4.91 4.32
C GLY A 12 -19.74 -4.77 5.02
N PRO A 13 -19.74 -4.92 6.34
CA PRO A 13 -20.97 -4.77 7.12
C PRO A 13 -21.79 -3.53 6.74
N SER A 14 -21.14 -2.39 6.52
CA SER A 14 -21.91 -1.20 6.15
C SER A 14 -22.60 -1.30 4.79
N GLY A 15 -21.86 -1.68 3.75
CA GLY A 15 -22.45 -1.80 2.43
C GLY A 15 -23.53 -2.86 2.41
N LEU A 16 -23.29 -3.95 3.15
CA LEU A 16 -24.25 -5.04 3.21
C LEU A 16 -25.51 -4.61 3.95
N ALA A 17 -25.35 -3.70 4.90
CA ALA A 17 -26.49 -3.14 5.61
C ALA A 17 -27.30 -2.25 4.67
N MET A 18 -26.61 -1.53 3.78
CA MET A 18 -27.34 -0.73 2.79
C MET A 18 -28.15 -1.65 1.87
N LEU A 19 -27.54 -2.74 1.41
CA LEU A 19 -28.24 -3.70 0.58
C LEU A 19 -29.44 -4.29 1.33
N ARG A 20 -29.24 -4.60 2.61
CA ARG A 20 -30.30 -5.20 3.41
C ARG A 20 -31.50 -4.28 3.59
N ALA A 21 -31.21 -2.99 3.80
CA ALA A 21 -32.26 -2.00 3.98
C ALA A 21 -33.10 -1.91 2.72
N PHE A 22 -32.46 -1.90 1.55
CA PHE A 22 -33.23 -1.86 0.31
C PHE A 22 -33.98 -3.17 0.07
N GLU A 23 -33.35 -4.29 0.40
CA GLU A 23 -34.03 -5.58 0.27
C GLU A 23 -35.31 -5.55 1.08
N SER A 24 -35.22 -4.97 2.27
CA SER A 24 -36.36 -5.00 3.18
C SER A 24 -37.50 -4.13 2.68
N GLU A 25 -37.15 -3.06 2.00
CA GLU A 25 -38.16 -2.21 1.36
C GLU A 25 -38.85 -2.97 0.23
N GLN A 26 -38.08 -3.70 -0.57
CA GLN A 26 -38.65 -4.39 -1.72
C GLN A 26 -39.61 -5.50 -1.27
N LYS A 27 -39.32 -6.09 -0.10
CA LYS A 27 -40.17 -7.14 0.47
C LYS A 27 -41.56 -6.63 0.86
N LYS A 28 -41.71 -5.33 1.04
CA LYS A 28 -43.01 -4.73 1.33
C LYS A 28 -43.84 -4.63 0.07
N GLY A 29 -43.21 -4.89 -1.08
CA GLY A 29 -43.86 -4.69 -2.36
C GLY A 29 -43.68 -3.29 -2.92
N ASN A 30 -42.81 -2.48 -2.30
CA ASN A 30 -42.52 -1.14 -2.79
C ASN A 30 -41.36 -1.13 -3.78
N PRO A 31 -41.40 -0.21 -4.75
CA PRO A 31 -40.30 -0.11 -5.72
C PRO A 31 -39.03 0.43 -5.06
N ILE A 32 -37.88 -0.08 -5.50
CA ILE A 32 -36.60 0.46 -5.03
C ILE A 32 -35.79 0.90 -6.23
N PRO A 33 -34.72 1.66 -5.98
CA PRO A 33 -33.86 2.12 -7.08
C PRO A 33 -33.04 1.00 -7.69
N GLU A 34 -32.43 1.29 -8.84
CA GLU A 34 -31.40 0.41 -9.37
C GLU A 34 -30.22 0.59 -8.43
N ILE A 35 -29.65 -0.51 -7.95
CA ILE A 35 -28.58 -0.46 -6.97
C ILE A 35 -27.40 -1.25 -7.46
N LYS A 36 -26.21 -0.68 -7.36
CA LYS A 36 -24.99 -1.40 -7.74
C LYS A 36 -23.96 -1.19 -6.64
N CYS A 37 -23.34 -2.27 -6.21
CA CYS A 37 -22.35 -2.25 -5.14
C CYS A 37 -21.00 -2.69 -5.72
N TYR A 38 -19.93 -2.04 -5.28
CA TYR A 38 -18.61 -2.34 -5.82
C TYR A 38 -17.67 -2.61 -4.67
N GLU A 39 -16.87 -3.67 -4.80
CA GLU A 39 -16.02 -4.12 -3.71
C GLU A 39 -14.63 -4.46 -4.21
N LYS A 40 -13.62 -3.91 -3.53
CA LYS A 40 -12.22 -4.07 -3.88
C LYS A 40 -11.75 -5.53 -3.76
N GLN A 41 -12.20 -6.21 -2.69
CA GLN A 41 -11.78 -7.59 -2.45
C GLN A 41 -12.51 -8.61 -3.32
N ASP A 42 -12.10 -9.87 -3.23
CA ASP A 42 -12.70 -10.93 -4.04
C ASP A 42 -14.03 -11.43 -3.45
N ASN A 43 -14.33 -11.04 -2.21
CA ASN A 43 -15.58 -11.47 -1.56
C ASN A 43 -16.11 -10.37 -0.65
N TRP A 44 -17.35 -10.53 -0.19
CA TRP A 44 -17.93 -9.59 0.77
C TRP A 44 -17.40 -9.85 2.16
N GLY A 45 -17.77 -9.01 3.11
CA GLY A 45 -17.43 -9.22 4.52
C GLY A 45 -16.50 -8.15 5.05
N GLY A 46 -15.87 -7.40 4.16
CA GLY A 46 -15.08 -6.26 4.58
C GLY A 46 -13.90 -6.61 5.45
N MET A 47 -13.83 -5.95 6.61
CA MET A 47 -12.74 -6.16 7.55
C MET A 47 -12.72 -7.61 8.05
N TRP A 48 -13.84 -8.30 7.92
CA TRP A 48 -13.98 -9.64 8.50
C TRP A 48 -13.30 -10.74 7.68
N ASN A 49 -12.72 -10.36 6.55
CA ASN A 49 -11.91 -11.29 5.76
C ASN A 49 -10.45 -11.27 6.18
N TYR A 50 -9.86 -12.45 6.29
CA TYR A 50 -8.45 -12.57 6.58
C TYR A 50 -7.66 -12.71 5.29
N THR A 51 -6.55 -11.98 5.19
CA THR A 51 -5.62 -12.20 4.10
C THR A 51 -4.22 -12.30 4.65
N TRP A 52 -3.42 -13.20 4.09
CA TRP A 52 -2.03 -13.33 4.47
C TRP A 52 -1.19 -12.20 3.91
N ARG A 53 -1.76 -11.43 2.97
CA ARG A 53 -0.99 -10.36 2.35
C ARG A 53 -0.91 -9.13 3.25
N THR A 54 0.15 -8.34 3.06
CA THR A 54 0.36 -7.09 3.80
C THR A 54 0.80 -5.99 2.84
N GLY A 55 0.55 -4.74 3.22
CA GLY A 55 1.00 -3.60 2.45
C GLY A 55 0.05 -3.33 1.30
N VAL A 56 0.26 -4.02 0.19
CA VAL A 56 -0.62 -3.91 -0.96
C VAL A 56 -1.04 -5.30 -1.40
N GLY A 57 -2.18 -5.40 -2.09
CA GLY A 57 -2.68 -6.67 -2.58
C GLY A 57 -2.07 -7.13 -3.90
N LYS A 58 -2.57 -8.24 -4.44
CA LYS A 58 -1.93 -8.82 -5.60
C LYS A 58 -2.00 -7.90 -6.80
N TYR A 59 -2.97 -6.98 -6.81
CA TYR A 59 -3.10 -6.04 -7.94
C TYR A 59 -2.49 -4.68 -7.63
N GLY A 60 -1.85 -4.56 -6.47
CA GLY A 60 -1.17 -3.34 -6.10
C GLY A 60 -1.93 -2.24 -5.37
N GLU A 61 -3.19 -2.49 -4.99
CA GLU A 61 -3.95 -1.54 -4.19
C GLU A 61 -3.63 -1.75 -2.72
N PRO A 62 -3.69 -0.68 -1.93
CA PRO A 62 -3.44 -0.87 -0.49
C PRO A 62 -4.30 -1.98 0.10
N ILE A 63 -3.71 -2.81 0.94
CA ILE A 63 -4.44 -3.92 1.56
C ILE A 63 -5.48 -3.40 2.52
N HIS A 64 -6.72 -3.90 2.40
CA HIS A 64 -7.78 -3.43 3.29
C HIS A 64 -7.68 -4.07 4.68
N GLY A 65 -7.41 -5.37 4.71
CA GLY A 65 -7.55 -6.15 5.93
C GLY A 65 -6.57 -5.77 7.02
N SER A 66 -7.06 -5.75 8.25
CA SER A 66 -6.21 -5.51 9.41
C SER A 66 -6.31 -6.67 10.40
N MET A 67 -7.18 -7.63 10.11
CA MET A 67 -7.32 -8.76 11.04
C MET A 67 -6.19 -9.77 10.94
N TYR A 68 -5.96 -10.45 12.06
CA TYR A 68 -4.87 -11.41 12.18
C TYR A 68 -5.35 -12.80 12.55
N LYS A 69 -4.48 -13.78 12.38
CA LYS A 69 -4.80 -15.13 12.85
C LYS A 69 -5.08 -15.06 14.33
N TYR A 70 -6.01 -15.90 14.78
CA TYR A 70 -6.35 -16.02 16.20
C TYR A 70 -7.15 -14.82 16.72
N LEU A 71 -7.72 -14.04 15.81
CA LEU A 71 -8.54 -12.92 16.23
C LEU A 71 -9.91 -13.40 16.68
N TRP A 72 -10.36 -12.90 17.83
CA TRP A 72 -11.69 -13.17 18.35
C TRP A 72 -12.46 -11.86 18.55
N SER A 73 -13.79 -11.93 18.42
CA SER A 73 -14.71 -10.84 18.78
C SER A 73 -14.21 -10.13 20.05
N ASN A 74 -14.13 -8.81 20.04
CA ASN A 74 -13.61 -8.18 21.26
C ASN A 74 -14.64 -7.50 22.15
N GLY A 75 -15.90 -7.55 21.72
CA GLY A 75 -17.03 -7.11 22.51
C GLY A 75 -18.09 -8.19 22.54
N PRO A 76 -19.06 -8.08 23.45
CA PRO A 76 -20.08 -9.14 23.52
C PRO A 76 -20.90 -9.19 22.24
N LYS A 77 -21.11 -10.39 21.69
CA LYS A 77 -21.85 -10.49 20.45
C LYS A 77 -23.26 -9.90 20.60
N GLU A 78 -23.81 -9.98 21.81
CA GLU A 78 -25.12 -9.42 22.09
C GLU A 78 -25.18 -7.89 21.83
N CYS A 79 -24.03 -7.23 21.85
CA CYS A 79 -24.01 -5.80 21.53
C CYS A 79 -24.03 -5.48 20.04
N LEU A 80 -23.74 -6.47 19.19
CA LEU A 80 -23.70 -6.22 17.75
C LEU A 80 -24.77 -6.97 16.96
N GLU A 81 -25.64 -7.68 17.67
CA GLU A 81 -26.65 -8.51 17.02
C GLU A 81 -27.54 -7.64 16.13
N PHE A 82 -27.87 -8.16 14.94
CA PHE A 82 -28.76 -7.43 14.04
C PHE A 82 -30.17 -7.43 14.64
N SER A 83 -30.88 -6.32 14.51
CA SER A 83 -32.25 -6.27 14.99
C SER A 83 -33.24 -7.05 14.10
N ASP A 84 -32.81 -7.48 12.92
CA ASP A 84 -33.72 -8.21 12.03
C ASP A 84 -33.24 -9.62 11.64
N TYR A 85 -32.24 -10.13 12.35
CA TYR A 85 -31.65 -11.42 12.03
C TYR A 85 -30.83 -11.86 13.24
N THR A 86 -31.39 -12.77 14.02
CA THR A 86 -30.82 -13.04 15.33
C THR A 86 -29.79 -14.17 15.32
N PHE A 87 -28.98 -14.22 16.36
CA PHE A 87 -28.05 -15.34 16.50
C PHE A 87 -28.82 -16.64 16.67
N MET A 88 -29.98 -16.56 17.29
CA MET A 88 -30.80 -17.73 17.53
C MET A 88 -31.21 -18.37 16.21
N GLU A 89 -31.67 -17.55 15.27
CA GLU A 89 -32.13 -18.12 14.01
C GLU A 89 -30.96 -18.50 13.11
N HIS A 90 -29.82 -17.84 13.27
CA HIS A 90 -28.68 -18.18 12.43
C HIS A 90 -27.97 -19.47 12.81
N PHE A 91 -27.61 -19.62 14.08
CA PHE A 91 -26.82 -20.78 14.48
C PHE A 91 -27.67 -21.92 15.01
N LYS A 92 -28.85 -21.61 15.52
CA LYS A 92 -29.78 -22.65 15.96
C LYS A 92 -29.20 -23.58 17.03
N GLN A 93 -27.99 -23.26 17.50
CA GLN A 93 -27.41 -23.91 18.66
C GLN A 93 -26.92 -22.76 19.54
N PRO A 94 -26.77 -23.01 20.84
CA PRO A 94 -26.34 -21.87 21.67
C PRO A 94 -24.84 -21.68 21.53
N ILE A 95 -24.39 -20.43 21.50
CA ILE A 95 -22.96 -20.17 21.49
C ILE A 95 -22.59 -19.14 22.55
N SER A 96 -21.30 -18.91 22.72
CA SER A 96 -20.81 -17.99 23.74
C SER A 96 -20.94 -16.54 23.27
N SER A 97 -20.50 -15.61 24.12
CA SER A 97 -20.66 -14.20 23.80
C SER A 97 -19.48 -13.63 23.00
N TYR A 98 -18.39 -14.39 22.87
CA TYR A 98 -17.21 -13.92 22.15
C TYR A 98 -16.70 -14.93 21.12
N PRO A 99 -17.37 -15.00 19.96
CA PRO A 99 -16.96 -15.96 18.92
C PRO A 99 -15.69 -15.50 18.17
N PRO A 100 -15.01 -16.43 17.50
CA PRO A 100 -13.82 -16.07 16.71
C PRO A 100 -14.21 -15.41 15.40
N ARG A 101 -13.26 -14.78 14.70
CA ARG A 101 -13.57 -14.09 13.44
C ARG A 101 -14.43 -14.89 12.46
N GLU A 102 -14.04 -16.14 12.18
CA GLU A 102 -14.76 -16.97 11.22
C GLU A 102 -16.25 -17.10 11.52
N VAL A 103 -16.57 -17.10 12.80
CA VAL A 103 -17.96 -17.30 13.25
C VAL A 103 -18.82 -16.06 13.03
N LEU A 104 -18.26 -14.89 13.34
CA LEU A 104 -18.96 -13.65 13.06
C LEU A 104 -19.08 -13.39 11.55
N PHE A 105 -18.05 -13.75 10.80
CA PHE A 105 -18.17 -13.69 9.34
C PHE A 105 -19.35 -14.54 8.86
N ASP A 106 -19.48 -15.75 9.41
CA ASP A 106 -20.58 -16.63 8.99
C ASP A 106 -21.94 -15.98 9.23
N TYR A 107 -22.07 -15.30 10.37
CA TYR A 107 -23.28 -14.60 10.76
C TYR A 107 -23.58 -13.44 9.81
N ILE A 108 -22.59 -12.59 9.58
CA ILE A 108 -22.74 -11.48 8.64
C ILE A 108 -23.21 -11.99 7.30
N GLN A 109 -22.59 -13.07 6.85
CA GLN A 109 -22.89 -13.65 5.56
C GLN A 109 -24.29 -14.28 5.56
N GLY A 110 -24.67 -14.85 6.71
CA GLY A 110 -25.98 -15.47 6.85
C GLY A 110 -27.11 -14.54 6.50
N ARG A 111 -27.04 -13.30 6.94
CA ARG A 111 -28.13 -12.38 6.71
C ARG A 111 -28.22 -12.00 5.24
N ILE A 112 -27.08 -11.69 4.64
CA ILE A 112 -27.07 -11.23 3.25
C ILE A 112 -27.49 -12.37 2.30
N LYS A 113 -27.22 -13.62 2.65
CA LYS A 113 -27.62 -14.74 1.80
C LYS A 113 -29.13 -14.95 1.72
N GLN A 114 -29.88 -14.25 2.57
CA GLN A 114 -31.34 -14.31 2.52
C GLN A 114 -31.86 -13.61 1.27
N SER A 115 -30.98 -12.88 0.61
CA SER A 115 -31.34 -12.09 -0.57
C SER A 115 -30.49 -12.50 -1.76
N ASN A 116 -30.75 -11.88 -2.90
CA ASN A 116 -29.95 -12.10 -4.11
C ASN A 116 -28.83 -11.08 -4.24
N ALA A 117 -28.46 -10.47 -3.12
CA ALA A 117 -27.52 -9.37 -3.11
C ALA A 117 -26.23 -9.66 -3.86
N ARG A 118 -25.77 -10.91 -3.79
CA ARG A 118 -24.50 -11.23 -4.42
C ARG A 118 -24.48 -10.86 -5.90
N ASP A 119 -25.65 -10.93 -6.54
CA ASP A 119 -25.72 -10.60 -7.96
C ASP A 119 -25.66 -9.09 -8.24
N PHE A 120 -25.73 -8.29 -7.18
CA PHE A 120 -25.73 -6.82 -7.25
C PHE A 120 -24.38 -6.24 -6.85
N ILE A 121 -23.42 -7.11 -6.58
CA ILE A 121 -22.09 -6.66 -6.16
C ILE A 121 -21.07 -7.02 -7.23
N LYS A 122 -20.19 -6.08 -7.58
CA LYS A 122 -19.09 -6.40 -8.47
C LYS A 122 -17.81 -6.44 -7.66
N PHE A 123 -17.21 -7.61 -7.58
CA PHE A 123 -16.01 -7.82 -6.78
C PHE A 123 -14.73 -7.49 -7.54
N ASN A 124 -13.60 -7.46 -6.83
CA ASN A 124 -12.32 -7.12 -7.44
C ASN A 124 -12.36 -5.83 -8.23
N THR A 125 -13.08 -4.84 -7.71
CA THR A 125 -13.32 -3.59 -8.43
C THR A 125 -13.22 -2.44 -7.43
N VAL A 126 -12.31 -1.52 -7.72
CA VAL A 126 -12.09 -0.38 -6.83
C VAL A 126 -12.67 0.90 -7.42
N ALA A 127 -13.40 1.65 -6.59
CA ALA A 127 -13.72 3.02 -6.93
C ALA A 127 -12.43 3.81 -6.94
N ARG A 128 -12.14 4.44 -8.09
CA ARG A 128 -10.87 5.11 -8.32
C ARG A 128 -11.00 6.64 -8.23
N TRP A 129 -12.08 7.17 -8.78
CA TRP A 129 -12.25 8.63 -8.80
C TRP A 129 -13.72 8.99 -8.97
N VAL A 130 -14.10 10.10 -8.37
CA VAL A 130 -15.49 10.56 -8.39
C VAL A 130 -15.56 12.03 -8.78
N ASP A 131 -16.40 12.36 -9.75
CA ASP A 131 -16.72 13.76 -10.08
C ASP A 131 -18.19 13.99 -9.73
N TYR A 132 -18.50 15.04 -8.98
CA TYR A 132 -19.91 15.41 -8.82
C TYR A 132 -20.25 16.40 -9.92
N LEU A 133 -21.28 16.09 -10.69
CA LEU A 133 -21.67 16.92 -11.82
C LEU A 133 -22.85 17.79 -11.41
N GLU A 134 -22.56 19.04 -11.11
CA GLU A 134 -23.53 19.95 -10.51
C GLU A 134 -24.80 20.06 -11.35
N ASP A 135 -24.64 20.16 -12.66
CA ASP A 135 -25.78 20.37 -13.54
C ASP A 135 -26.65 19.11 -13.70
N LYS A 136 -26.03 17.94 -13.63
CA LYS A 136 -26.75 16.68 -13.73
C LYS A 136 -27.26 16.18 -12.38
N LYS A 137 -26.74 16.75 -11.30
CA LYS A 137 -27.07 16.26 -9.95
C LYS A 137 -26.75 14.77 -9.84
N GLN A 138 -25.60 14.39 -10.39
CA GLN A 138 -25.16 13.00 -10.36
C GLN A 138 -23.67 12.90 -10.11
N PHE A 139 -23.27 11.76 -9.56
CA PHE A 139 -21.86 11.43 -9.42
C PHE A 139 -21.42 10.59 -10.59
N ARG A 140 -20.34 11.01 -11.24
CA ARG A 140 -19.67 10.20 -12.23
C ARG A 140 -18.55 9.45 -11.50
N VAL A 141 -18.62 8.13 -11.50
CA VAL A 141 -17.61 7.37 -10.76
C VAL A 141 -16.79 6.50 -11.70
N ILE A 142 -15.46 6.62 -11.57
CA ILE A 142 -14.55 5.78 -12.33
C ILE A 142 -14.19 4.56 -11.50
N PHE A 143 -14.36 3.37 -12.08
CA PHE A 143 -13.96 2.14 -11.42
C PHE A 143 -12.81 1.47 -12.15
N ASP A 144 -12.02 0.72 -11.39
CA ASP A 144 -10.91 -0.04 -11.94
C ASP A 144 -11.21 -1.52 -11.68
N ASP A 145 -11.48 -2.27 -12.74
CA ASP A 145 -11.71 -3.70 -12.64
C ASP A 145 -10.34 -4.37 -12.60
N LEU A 146 -9.94 -4.81 -11.41
CA LEU A 146 -8.56 -5.21 -11.17
C LEU A 146 -8.18 -6.49 -11.90
N VAL A 147 -9.15 -7.37 -12.08
CA VAL A 147 -8.85 -8.64 -12.74
C VAL A 147 -8.61 -8.43 -14.23
N LYS A 148 -9.50 -7.66 -14.86
CA LYS A 148 -9.41 -7.40 -16.29
C LYS A 148 -8.41 -6.30 -16.65
N ASN A 149 -7.96 -5.53 -15.65
CA ASN A 149 -7.17 -4.32 -15.88
C ASN A 149 -7.88 -3.43 -16.88
N GLU A 150 -9.15 -3.17 -16.59
CA GLU A 150 -9.96 -2.28 -17.40
C GLU A 150 -10.63 -1.27 -16.48
N THR A 151 -10.84 -0.07 -16.98
CA THR A 151 -11.56 0.96 -16.23
C THR A 151 -12.91 1.19 -16.90
N PHE A 152 -13.89 1.63 -16.12
CA PHE A 152 -15.21 1.96 -16.64
C PHE A 152 -15.86 3.02 -15.77
N GLU A 153 -16.92 3.64 -16.27
CA GLU A 153 -17.56 4.69 -15.49
C GLU A 153 -19.05 4.43 -15.36
N GLU A 154 -19.61 4.87 -14.24
CA GLU A 154 -21.04 4.80 -14.01
C GLU A 154 -21.52 6.12 -13.44
N TYR A 155 -22.80 6.42 -13.64
CA TYR A 155 -23.41 7.62 -13.07
C TYR A 155 -24.44 7.23 -12.01
N PHE A 156 -24.40 7.91 -10.85
CA PHE A 156 -25.34 7.62 -9.77
C PHE A 156 -26.03 8.88 -9.26
N ASP A 157 -27.30 8.75 -8.88
CA ASP A 157 -28.01 9.84 -8.25
C ASP A 157 -27.63 10.01 -6.78
N TYR A 158 -27.30 8.91 -6.12
CA TYR A 158 -26.80 8.94 -4.75
C TYR A 158 -25.58 8.05 -4.68
N LEU A 159 -24.60 8.43 -3.86
CA LEU A 159 -23.42 7.61 -3.69
C LEU A 159 -23.26 7.31 -2.21
N VAL A 160 -23.18 6.03 -1.87
CA VAL A 160 -23.04 5.61 -0.48
C VAL A 160 -21.63 5.08 -0.30
N VAL A 161 -20.88 5.69 0.61
CA VAL A 161 -19.50 5.31 0.84
C VAL A 161 -19.38 4.50 2.13
N GLY A 162 -19.05 3.22 2.00
CA GLY A 162 -18.92 2.33 3.15
C GLY A 162 -17.57 1.66 3.12
N THR A 163 -16.52 2.47 3.01
CA THR A 163 -15.17 1.97 2.77
C THR A 163 -14.31 1.82 4.03
N GLY A 164 -14.93 2.06 5.18
CA GLY A 164 -14.23 1.92 6.46
C GLY A 164 -13.20 3.00 6.77
N HIS A 165 -12.68 2.95 7.99
CA HIS A 165 -11.63 3.89 8.39
C HIS A 165 -10.61 3.24 9.31
N PHE A 166 -10.48 1.92 9.25
CA PHE A 166 -9.46 1.23 10.04
C PHE A 166 -8.53 0.44 9.15
N SER A 167 -8.17 1.02 7.99
CA SER A 167 -7.27 0.35 7.07
C SER A 167 -6.03 1.14 6.69
N THR A 168 -6.11 2.47 6.73
CA THR A 168 -4.96 3.29 6.40
C THR A 168 -4.28 3.63 7.71
N PRO A 169 -3.06 3.12 7.91
CA PRO A 169 -2.43 3.34 9.22
C PRO A 169 -2.08 4.78 9.54
N ASN A 170 -2.22 5.11 10.81
CA ASN A 170 -1.52 6.26 11.37
C ASN A 170 -0.17 5.72 11.85
N MET A 171 0.90 6.07 11.14
CA MET A 171 2.20 5.47 11.35
C MET A 171 3.21 6.57 11.66
N PRO A 172 3.22 7.07 12.90
CA PRO A 172 4.12 8.17 13.24
C PRO A 172 5.57 7.74 13.28
N TYR A 173 6.45 8.68 12.97
CA TYR A 173 7.88 8.44 13.07
C TYR A 173 8.32 8.61 14.50
N PHE A 174 9.16 7.71 15.00
CA PHE A 174 9.81 7.88 16.30
C PHE A 174 11.31 8.00 16.10
N LYS A 175 11.93 8.97 16.78
CA LYS A 175 13.36 9.19 16.63
C LYS A 175 14.14 7.87 16.67
N GLY A 176 14.95 7.64 15.64
CA GLY A 176 15.81 6.47 15.60
C GLY A 176 15.17 5.16 15.20
N ILE A 177 13.87 5.18 14.91
CA ILE A 177 13.20 3.93 14.57
C ILE A 177 13.77 3.38 13.27
N ASP A 178 14.25 4.27 12.42
CA ASP A 178 14.81 3.89 11.12
C ASP A 178 16.15 3.16 11.25
N SER A 179 16.65 3.06 12.48
CA SER A 179 17.89 2.32 12.73
C SER A 179 17.67 1.13 13.65
N PHE A 180 16.41 0.89 14.02
CA PHE A 180 16.05 -0.31 14.77
C PHE A 180 16.26 -1.55 13.90
N PRO A 181 17.07 -2.52 14.38
CA PRO A 181 17.53 -3.64 13.57
C PRO A 181 16.56 -4.82 13.48
N GLY A 182 15.42 -4.74 14.16
CA GLY A 182 14.50 -5.86 14.19
C GLY A 182 13.26 -5.60 13.36
N THR A 183 12.23 -6.40 13.62
CA THR A 183 10.98 -6.29 12.88
C THR A 183 10.24 -5.03 13.28
N VAL A 184 9.80 -4.25 12.30
CA VAL A 184 9.00 -3.06 12.57
C VAL A 184 7.79 -3.09 11.67
N MET A 185 6.62 -2.85 12.25
CA MET A 185 5.38 -2.84 11.47
C MET A 185 4.30 -2.05 12.19
N HIS A 186 3.25 -1.69 11.46
CA HIS A 186 2.03 -1.19 12.08
C HIS A 186 1.11 -2.37 12.36
N ALA A 187 0.22 -2.21 13.32
CA ALA A 187 -0.76 -3.23 13.63
C ALA A 187 -1.52 -3.69 12.38
N HIS A 188 -1.73 -2.77 11.44
CA HIS A 188 -2.43 -3.07 10.19
C HIS A 188 -1.82 -4.30 9.50
N ASP A 189 -0.51 -4.47 9.64
CA ASP A 189 0.19 -5.54 8.94
C ASP A 189 0.51 -6.76 9.82
N PHE A 190 0.04 -6.73 11.07
CA PHE A 190 0.18 -7.88 11.97
C PHE A 190 -0.74 -9.01 11.51
N ARG A 191 -0.19 -10.21 11.36
CA ARG A 191 -1.00 -11.32 10.88
C ARG A 191 -1.05 -12.49 11.86
N GLY A 192 -0.43 -12.33 13.03
CA GLY A 192 -0.53 -13.35 14.07
C GLY A 192 0.70 -13.48 14.95
N ALA A 193 0.49 -14.01 16.15
CA ALA A 193 1.52 -14.04 17.18
C ALA A 193 2.60 -15.12 17.00
N ASP A 194 2.37 -16.08 16.12
CA ASP A 194 3.33 -17.17 15.94
C ASP A 194 4.72 -16.69 15.53
N GLN A 195 4.79 -15.59 14.78
CA GLN A 195 6.09 -15.10 14.34
C GLN A 195 6.94 -14.57 15.49
N PHE A 196 6.30 -14.30 16.64
CA PHE A 196 7.00 -13.65 17.77
C PHE A 196 7.22 -14.57 18.98
N ILE A 197 7.06 -15.88 18.79
CA ILE A 197 7.34 -16.81 19.87
C ILE A 197 8.79 -16.62 20.34
N ASP A 198 8.97 -16.59 21.66
CA ASP A 198 10.30 -16.45 22.25
C ASP A 198 10.96 -15.10 22.01
N LYS A 199 10.18 -14.10 21.57
CA LYS A 199 10.73 -12.79 21.28
C LYS A 199 10.29 -11.70 22.28
N ASP A 200 11.09 -10.65 22.40
CA ASP A 200 10.73 -9.47 23.18
C ASP A 200 10.05 -8.43 22.29
N ILE A 201 8.79 -8.11 22.61
CA ILE A 201 7.96 -7.29 21.74
C ILE A 201 7.59 -5.95 22.36
N LEU A 202 7.73 -4.88 21.58
CA LEU A 202 7.30 -3.57 22.02
C LEU A 202 6.09 -3.13 21.21
N LEU A 203 5.00 -2.81 21.90
CA LEU A 203 3.79 -2.31 21.25
C LEU A 203 3.63 -0.85 21.63
N ILE A 204 3.52 0.01 20.63
CA ILE A 204 3.31 1.42 20.90
C ILE A 204 1.83 1.77 20.70
N GLY A 205 1.20 2.24 21.78
CA GLY A 205 -0.22 2.55 21.76
C GLY A 205 -0.89 1.89 22.95
N SER A 206 -2.14 2.25 23.22
CA SER A 206 -2.80 1.75 24.43
C SER A 206 -4.29 1.59 24.26
N SER A 207 -4.72 1.15 23.08
CA SER A 207 -6.12 0.90 22.85
C SER A 207 -6.36 -0.56 22.48
N TYR A 208 -7.39 -0.82 21.68
CA TYR A 208 -7.75 -2.20 21.39
C TYR A 208 -6.63 -3.00 20.77
N SER A 209 -5.94 -2.42 19.79
CA SER A 209 -4.92 -3.18 19.08
C SER A 209 -3.76 -3.54 20.01
N ALA A 210 -3.32 -2.58 20.82
CA ALA A 210 -2.21 -2.84 21.73
C ALA A 210 -2.62 -3.91 22.75
N GLU A 211 -3.81 -3.75 23.31
CA GLU A 211 -4.31 -4.65 24.32
C GLU A 211 -4.44 -6.07 23.78
N ASP A 212 -5.05 -6.22 22.61
CA ASP A 212 -5.28 -7.57 22.11
C ASP A 212 -4.01 -8.21 21.55
N ILE A 213 -3.20 -7.45 20.82
CA ILE A 213 -2.00 -8.04 20.25
C ILE A 213 -1.03 -8.42 21.38
N GLY A 214 -1.04 -7.62 22.43
CA GLY A 214 -0.22 -7.90 23.61
C GLY A 214 -0.60 -9.22 24.24
N VAL A 215 -1.89 -9.42 24.47
CA VAL A 215 -2.34 -10.66 25.08
C VAL A 215 -2.14 -11.84 24.13
N GLN A 216 -2.34 -11.61 22.84
CA GLN A 216 -2.09 -12.64 21.84
C GLN A 216 -0.65 -13.16 21.91
N CYS A 217 0.29 -12.24 21.85
CA CYS A 217 1.72 -12.58 21.90
C CYS A 217 2.03 -13.38 23.18
N PHE A 218 1.61 -12.84 24.32
CA PHE A 218 1.75 -13.51 25.61
C PHE A 218 1.17 -14.92 25.58
N LYS A 219 -0.07 -15.05 25.12
CA LYS A 219 -0.79 -16.31 25.08
C LYS A 219 -0.10 -17.34 24.17
N HIS A 220 0.49 -16.87 23.08
CA HIS A 220 1.05 -17.78 22.08
C HIS A 220 2.54 -18.04 22.24
N GLY A 221 3.16 -17.39 23.23
CA GLY A 221 4.51 -17.76 23.63
C GLY A 221 5.62 -16.76 23.45
N SER A 222 5.30 -15.47 23.39
CA SER A 222 6.34 -14.45 23.33
C SER A 222 7.13 -14.45 24.64
N LYS A 223 8.39 -14.04 24.58
CA LYS A 223 9.19 -13.95 25.80
C LYS A 223 8.69 -12.85 26.71
N SER A 224 8.45 -11.67 26.13
CA SER A 224 7.93 -10.54 26.89
C SER A 224 7.25 -9.54 25.97
N VAL A 225 6.28 -8.81 26.54
CA VAL A 225 5.56 -7.76 25.84
C VAL A 225 5.61 -6.48 26.67
N THR A 226 5.96 -5.38 26.02
CA THR A 226 5.83 -4.06 26.61
C THR A 226 4.83 -3.23 25.83
N ILE A 227 3.87 -2.66 26.54
CA ILE A 227 2.92 -1.73 25.95
C ILE A 227 3.30 -0.32 26.38
N SER A 228 3.58 0.54 25.39
CA SER A 228 4.03 1.88 25.67
C SER A 228 2.93 2.89 25.33
N TYR A 229 2.42 3.59 26.34
CA TYR A 229 1.28 4.49 26.16
C TYR A 229 1.67 5.94 26.02
N ARG A 230 0.83 6.72 25.34
CA ARG A 230 1.09 8.14 25.13
C ARG A 230 0.54 9.02 26.25
N THR A 231 -0.62 8.65 26.77
CA THR A 231 -1.32 9.49 27.73
C THR A 231 -1.68 8.71 28.98
N ASN A 232 -2.48 7.67 28.79
CA ASN A 232 -2.97 6.85 29.89
C ASN A 232 -2.68 5.38 29.66
N PRO A 233 -2.19 4.67 30.69
CA PRO A 233 -2.03 3.23 30.55
C PRO A 233 -3.39 2.53 30.48
N ILE A 234 -3.42 1.34 29.90
CA ILE A 234 -4.61 0.52 29.88
C ILE A 234 -5.05 0.24 31.31
N GLY A 235 -4.08 -0.02 32.18
CA GLY A 235 -4.33 -0.16 33.60
C GLY A 235 -4.86 -1.52 34.00
N ALA A 236 -4.79 -2.47 33.07
CA ALA A 236 -5.27 -3.82 33.35
C ALA A 236 -4.34 -4.51 34.34
N LYS A 237 -4.82 -5.61 34.92
CA LYS A 237 -4.01 -6.40 35.83
C LYS A 237 -3.25 -7.41 35.01
N TRP A 238 -2.02 -7.07 34.65
CA TRP A 238 -1.23 -7.85 33.71
C TRP A 238 -0.51 -9.03 34.37
N PRO A 239 -0.46 -10.17 33.66
CA PRO A 239 0.37 -11.29 34.12
C PRO A 239 1.83 -10.96 33.90
N LYS A 240 2.73 -11.64 34.60
CA LYS A 240 4.15 -11.51 34.31
C LYS A 240 4.37 -11.95 32.85
N GLY A 241 5.01 -11.09 32.06
CA GLY A 241 5.13 -11.32 30.63
C GLY A 241 4.59 -10.14 29.83
N ILE A 242 3.71 -9.36 30.46
CA ILE A 242 3.24 -8.11 29.88
C ILE A 242 3.41 -6.98 30.90
N GLU A 243 3.97 -5.86 30.46
CA GLU A 243 4.11 -4.67 31.29
C GLU A 243 3.74 -3.45 30.49
N GLU A 244 3.57 -2.33 31.19
CA GLU A 244 3.32 -1.05 30.54
C GLU A 244 4.39 -0.03 30.89
N LYS A 245 4.82 0.72 29.88
CA LYS A 245 5.75 1.82 30.07
C LYS A 245 5.16 3.09 29.46
N PRO A 246 5.63 4.25 29.90
CA PRO A 246 5.24 5.50 29.23
C PRO A 246 5.83 5.56 27.83
N ILE A 247 5.67 6.70 27.16
CA ILE A 247 5.97 6.75 25.73
C ILE A 247 7.45 6.61 25.41
N VAL A 248 7.73 5.91 24.30
CA VAL A 248 9.09 5.82 23.77
C VAL A 248 9.53 7.20 23.32
N THR A 249 10.74 7.60 23.69
CA THR A 249 11.27 8.89 23.28
C THR A 249 12.13 8.75 22.04
N HIS A 250 12.94 7.70 22.02
CA HIS A 250 13.80 7.45 20.87
C HIS A 250 14.33 6.03 20.92
N PHE A 251 14.80 5.56 19.77
CA PHE A 251 15.48 4.28 19.68
C PHE A 251 16.96 4.50 19.46
N GLU A 252 17.79 3.65 20.05
CA GLU A 252 19.20 3.60 19.76
C GLU A 252 19.53 2.14 19.49
N ASP A 253 19.84 1.82 18.23
CA ASP A 253 19.82 0.44 17.75
C ASP A 253 18.56 -0.29 18.20
N ASN A 254 18.70 -1.42 18.90
CA ASN A 254 17.52 -2.18 19.31
C ASN A 254 17.01 -1.79 20.69
N VAL A 255 17.54 -0.68 21.22
CA VAL A 255 17.15 -0.21 22.54
C VAL A 255 16.13 0.92 22.46
N ALA A 256 14.96 0.71 23.05
CA ALA A 256 13.98 1.78 23.12
C ALA A 256 14.21 2.53 24.43
N HIS A 257 14.18 3.85 24.37
CA HIS A 257 14.28 4.68 25.56
C HIS A 257 12.93 5.32 25.86
N PHE A 258 12.53 5.28 27.12
CA PHE A 258 11.18 5.73 27.50
C PHE A 258 11.21 7.03 28.30
N LYS A 259 10.04 7.64 28.44
CA LYS A 259 9.92 8.95 29.07
C LYS A 259 10.42 8.94 30.51
N ASP A 260 10.27 7.80 31.19
CA ASP A 260 10.66 7.68 32.59
C ASP A 260 12.15 7.42 32.77
N GLY A 261 12.90 7.51 31.67
CA GLY A 261 14.35 7.36 31.72
C GLY A 261 14.82 5.92 31.62
N SER A 262 13.88 4.98 31.64
CA SER A 262 14.24 3.57 31.52
C SER A 262 14.50 3.22 30.06
N LYS A 263 14.99 2.01 29.83
CA LYS A 263 15.31 1.53 28.49
C LYS A 263 15.27 0.02 28.47
N LYS A 264 15.08 -0.55 27.29
CA LYS A 264 14.99 -1.99 27.16
C LYS A 264 15.24 -2.41 25.72
N GLU A 265 15.82 -3.58 25.53
CA GLU A 265 16.06 -4.13 24.20
C GLU A 265 14.83 -4.87 23.69
N TYR A 266 14.60 -4.78 22.38
CA TYR A 266 13.46 -5.45 21.75
C TYR A 266 13.83 -6.11 20.45
N ASP A 267 13.06 -7.15 20.12
CA ASP A 267 13.24 -7.92 18.90
C ASP A 267 12.30 -7.41 17.83
N ALA A 268 11.21 -6.78 18.25
CA ALA A 268 10.20 -6.31 17.30
C ALA A 268 9.47 -5.11 17.86
N VAL A 269 9.02 -4.25 16.96
CA VAL A 269 8.20 -3.11 17.34
C VAL A 269 6.93 -3.10 16.52
N ILE A 270 5.79 -3.06 17.20
CA ILE A 270 4.50 -3.00 16.51
C ILE A 270 3.77 -1.73 16.90
N LEU A 271 3.54 -0.85 15.93
CA LEU A 271 2.87 0.40 16.22
C LEU A 271 1.36 0.19 16.18
N CYS A 272 0.73 0.29 17.34
CA CYS A 272 -0.70 0.11 17.49
C CYS A 272 -1.34 1.48 17.66
N THR A 273 -1.01 2.36 16.72
CA THR A 273 -1.26 3.78 16.82
C THR A 273 -2.46 4.25 16.02
N GLY A 274 -3.32 3.30 15.63
CA GLY A 274 -4.58 3.63 15.04
C GLY A 274 -4.49 3.94 13.57
N TYR A 275 -5.56 4.52 13.05
CA TYR A 275 -5.80 4.61 11.61
C TYR A 275 -6.25 5.99 11.21
N GLN A 276 -6.25 6.25 9.91
CA GLN A 276 -6.69 7.55 9.38
C GLN A 276 -7.90 7.33 8.50
N HIS A 277 -8.77 8.34 8.42
CA HIS A 277 -9.73 8.37 7.34
C HIS A 277 -9.03 8.72 6.04
N LYS A 278 -9.33 7.97 5.00
CA LYS A 278 -8.63 8.12 3.73
C LYS A 278 -9.58 7.80 2.60
N PHE A 279 -9.80 8.78 1.72
CA PHE A 279 -10.71 8.60 0.59
C PHE A 279 -10.03 9.10 -0.69
N PRO A 280 -9.09 8.31 -1.23
CA PRO A 280 -8.32 8.82 -2.36
C PRO A 280 -9.17 9.04 -3.61
N PHE A 281 -10.33 8.41 -3.65
CA PHE A 281 -11.20 8.46 -4.82
C PHE A 281 -12.20 9.60 -4.78
N LEU A 282 -12.17 10.38 -3.70
CA LEU A 282 -13.07 11.54 -3.57
C LEU A 282 -12.30 12.85 -3.73
N PRO A 283 -12.94 13.85 -4.37
CA PRO A 283 -12.32 15.18 -4.35
C PRO A 283 -12.36 15.72 -2.93
N ASP A 284 -11.45 16.63 -2.60
CA ASP A 284 -11.35 17.03 -1.20
C ASP A 284 -12.61 17.72 -0.66
N ASN A 285 -13.40 18.31 -1.55
CA ASN A 285 -14.63 18.95 -1.07
C ASN A 285 -15.75 17.94 -0.76
N LEU A 286 -15.44 16.66 -0.98
CA LEU A 286 -16.37 15.58 -0.62
C LEU A 286 -15.77 14.67 0.47
N ARG A 287 -14.60 15.01 0.98
CA ARG A 287 -13.94 14.19 2.00
C ARG A 287 -14.39 14.54 3.41
N LEU A 288 -14.46 13.52 4.25
CA LEU A 288 -14.50 13.76 5.68
C LEU A 288 -13.09 14.02 6.11
N LYS A 289 -12.88 15.18 6.70
CA LYS A 289 -11.57 15.58 7.17
C LYS A 289 -11.67 15.62 8.68
N THR A 290 -11.37 14.50 9.31
CA THR A 290 -11.68 14.33 10.72
C THR A 290 -10.62 13.49 11.40
N LYS A 291 -10.42 13.76 12.69
CA LYS A 291 -9.73 12.81 13.56
C LYS A 291 -10.75 11.73 13.93
N ASN A 292 -10.29 10.60 14.45
CA ASN A 292 -11.20 9.52 14.86
C ASN A 292 -11.95 10.00 16.09
N ASN A 293 -13.27 9.95 16.03
CA ASN A 293 -14.07 10.20 17.21
C ASN A 293 -15.49 9.70 16.95
N LEU A 294 -16.33 9.82 17.97
CA LEU A 294 -17.65 9.21 17.93
C LEU A 294 -18.62 10.01 17.08
N TYR A 295 -18.24 11.22 16.68
CA TYR A 295 -19.15 11.99 15.84
C TYR A 295 -18.42 12.96 14.93
N PRO A 296 -17.87 12.44 13.83
CA PRO A 296 -17.20 13.33 12.88
C PRO A 296 -18.12 14.44 12.41
N ASP A 297 -17.57 15.65 12.26
CA ASP A 297 -18.31 16.82 11.82
C ASP A 297 -18.77 16.68 10.37
N ASN A 298 -19.70 17.54 9.95
CA ASN A 298 -20.12 17.63 8.56
C ASN A 298 -20.96 16.47 8.05
N LEU A 299 -21.52 15.70 8.98
CA LEU A 299 -22.41 14.59 8.65
C LEU A 299 -23.75 14.75 9.37
N TYR A 300 -24.80 15.08 8.63
CA TYR A 300 -26.12 15.22 9.23
C TYR A 300 -26.59 13.84 9.66
N LYS A 301 -27.00 13.73 10.92
CA LYS A 301 -27.35 12.46 11.57
C LYS A 301 -26.22 11.43 11.48
N GLY A 302 -24.99 11.92 11.35
CA GLY A 302 -23.83 11.04 11.23
C GLY A 302 -23.74 10.30 9.92
N VAL A 303 -24.57 10.69 8.94
CA VAL A 303 -24.76 9.90 7.73
C VAL A 303 -24.73 10.72 6.40
N VAL A 304 -25.45 11.83 6.36
CA VAL A 304 -25.58 12.58 5.12
C VAL A 304 -24.54 13.69 5.05
N PHE A 305 -23.71 13.67 4.01
CA PHE A 305 -22.65 14.67 3.90
C PHE A 305 -23.30 16.04 3.78
N ASN A 306 -22.94 16.94 4.69
CA ASN A 306 -23.72 18.17 4.85
C ASN A 306 -23.59 19.13 3.68
N GLU A 307 -22.43 19.12 3.03
CA GLU A 307 -22.16 20.05 1.94
C GLU A 307 -22.55 19.50 0.56
N ASN A 308 -22.89 18.22 0.50
CA ASN A 308 -23.47 17.65 -0.71
C ASN A 308 -24.32 16.48 -0.30
N GLU A 309 -25.61 16.73 -0.19
CA GLU A 309 -26.53 15.79 0.44
C GLU A 309 -26.83 14.52 -0.37
N ARG A 310 -26.21 14.38 -1.54
CA ARG A 310 -26.39 13.17 -2.32
C ARG A 310 -25.30 12.16 -2.01
N LEU A 311 -24.35 12.57 -1.17
CA LEU A 311 -23.27 11.71 -0.71
C LEU A 311 -23.57 11.23 0.71
N ILE A 312 -23.52 9.92 0.89
CA ILE A 312 -23.84 9.30 2.18
C ILE A 312 -22.63 8.50 2.67
N PHE A 313 -22.31 8.65 3.95
CA PHE A 313 -21.21 7.93 4.57
C PHE A 313 -21.78 7.02 5.65
N LEU A 314 -21.36 5.76 5.64
CA LEU A 314 -21.77 4.83 6.69
C LEU A 314 -20.57 4.39 7.51
N GLY A 315 -20.80 4.18 8.80
CA GLY A 315 -19.78 3.63 9.68
C GLY A 315 -18.51 4.43 9.87
N MET A 316 -18.56 5.75 9.66
CA MET A 316 -17.34 6.56 9.76
C MET A 316 -17.00 7.01 11.19
N GLN A 317 -17.93 6.75 12.12
CA GLN A 317 -17.71 7.03 13.53
C GLN A 317 -16.79 5.98 14.14
N ASP A 318 -16.06 6.38 15.17
CA ASP A 318 -15.39 5.43 16.06
C ASP A 318 -16.48 4.50 16.62
N GLN A 319 -16.10 3.30 17.04
CA GLN A 319 -17.08 2.24 17.27
C GLN A 319 -17.01 1.54 18.63
N TYR A 320 -18.09 1.66 19.41
CA TYR A 320 -18.41 0.66 20.42
C TYR A 320 -19.46 -0.23 19.77
N TYR A 321 -20.61 0.36 19.47
CA TYR A 321 -21.59 -0.28 18.62
C TYR A 321 -21.01 -0.43 17.21
N THR A 322 -21.38 -1.52 16.55
CA THR A 322 -20.95 -1.76 15.18
C THR A 322 -22.10 -2.13 14.25
N PHE A 323 -22.46 -3.41 14.22
CA PHE A 323 -23.33 -3.93 13.15
C PHE A 323 -24.70 -3.26 13.18
N ASN A 324 -25.32 -3.21 14.36
CA ASN A 324 -26.66 -2.65 14.40
C ASN A 324 -26.65 -1.12 14.36
N MET A 325 -25.49 -0.50 14.57
CA MET A 325 -25.36 0.93 14.30
C MET A 325 -25.34 1.20 12.81
N PHE A 326 -24.57 0.41 12.05
CA PHE A 326 -24.55 0.55 10.59
C PHE A 326 -25.94 0.34 10.02
N ASP A 327 -26.67 -0.64 10.57
CA ASP A 327 -28.06 -0.87 10.14
C ASP A 327 -28.92 0.35 10.36
N THR A 328 -28.87 0.91 11.58
CA THR A 328 -29.64 2.11 11.90
C THR A 328 -29.33 3.22 10.90
N GLN A 329 -28.05 3.41 10.60
CA GLN A 329 -27.63 4.41 9.61
C GLN A 329 -28.14 4.10 8.19
N ALA A 330 -28.04 2.84 7.79
CA ALA A 330 -28.45 2.41 6.45
C ALA A 330 -29.96 2.60 6.25
N TRP A 331 -30.74 2.25 7.26
CA TRP A 331 -32.19 2.44 7.17
C TRP A 331 -32.54 3.92 7.06
N PHE A 332 -31.83 4.76 7.80
CA PHE A 332 -32.05 6.20 7.71
C PHE A 332 -31.68 6.68 6.30
N ALA A 333 -30.53 6.24 5.78
CA ALA A 333 -30.11 6.60 4.43
C ALA A 333 -31.15 6.18 3.40
N ARG A 334 -31.66 4.97 3.55
CA ARG A 334 -32.66 4.43 2.64
C ARG A 334 -33.90 5.32 2.61
N ASP A 335 -34.42 5.63 3.79
CA ASP A 335 -35.66 6.40 3.87
C ASP A 335 -35.49 7.80 3.32
N TYR A 336 -34.31 8.38 3.49
CA TYR A 336 -33.99 9.67 2.89
C TYR A 336 -33.98 9.57 1.35
N MET A 337 -33.25 8.59 0.82
CA MET A 337 -33.17 8.39 -0.63
C MET A 337 -34.53 8.07 -1.27
N LEU A 338 -35.39 7.40 -0.51
CA LEU A 338 -36.71 7.08 -1.04
C LEU A 338 -37.66 8.27 -0.94
N GLY A 339 -37.26 9.29 -0.19
CA GLY A 339 -38.12 10.44 0.02
C GLY A 339 -39.14 10.26 1.13
N ARG A 340 -38.96 9.22 1.95
CA ARG A 340 -39.82 8.96 3.09
C ARG A 340 -39.44 9.86 4.26
N ILE A 341 -38.17 10.29 4.26
CA ILE A 341 -37.67 11.27 5.21
C ILE A 341 -37.20 12.48 4.41
N ALA A 342 -37.76 13.65 4.71
CA ALA A 342 -37.36 14.88 4.03
C ALA A 342 -36.20 15.53 4.75
N LEU A 343 -35.19 15.98 3.99
CA LEU A 343 -34.04 16.60 4.62
C LEU A 343 -34.39 18.02 5.00
N PRO A 344 -34.12 18.42 6.25
CA PRO A 344 -34.32 19.83 6.63
C PRO A 344 -33.30 20.73 5.93
N ASN A 345 -33.57 22.02 5.87
CA ASN A 345 -32.67 22.94 5.18
C ASN A 345 -31.29 22.97 5.82
N LYS A 346 -30.33 23.53 5.11
CA LYS A 346 -28.94 23.58 5.55
C LYS A 346 -28.72 24.19 6.94
N GLU A 347 -29.44 25.27 7.23
CA GLU A 347 -29.30 25.95 8.52
C GLU A 347 -29.70 25.03 9.66
N ILE A 348 -30.83 24.35 9.50
CA ILE A 348 -31.29 23.39 10.49
C ILE A 348 -30.31 22.24 10.66
N ARG A 349 -29.76 21.74 9.54
CA ARG A 349 -28.79 20.64 9.62
C ARG A 349 -27.54 21.10 10.37
N ASP A 350 -27.04 22.28 10.03
CA ASP A 350 -25.87 22.84 10.71
C ASP A 350 -26.07 22.86 12.22
N LYS A 351 -27.24 23.31 12.66
CA LYS A 351 -27.54 23.41 14.09
C LYS A 351 -27.50 22.05 14.76
N ASP A 352 -28.12 21.06 14.13
CA ASP A 352 -28.16 19.72 14.68
C ASP A 352 -26.77 19.08 14.73
N ILE A 353 -26.00 19.26 13.66
CA ILE A 353 -24.62 18.77 13.63
C ILE A 353 -23.81 19.38 14.78
N ALA A 354 -23.90 20.70 14.94
CA ALA A 354 -23.16 21.37 16.01
C ALA A 354 -23.56 20.84 17.40
N LYS A 355 -24.85 20.59 17.62
CA LYS A 355 -25.32 20.06 18.89
C LYS A 355 -24.64 18.73 19.22
N TRP A 356 -24.61 17.84 18.24
CA TRP A 356 -24.03 16.52 18.46
C TRP A 356 -22.51 16.55 18.60
N VAL A 357 -21.87 17.41 17.82
CA VAL A 357 -20.42 17.56 17.92
C VAL A 357 -20.05 18.03 19.34
N GLU A 358 -20.83 18.97 19.86
CA GLU A 358 -20.56 19.46 21.21
C GLU A 358 -20.81 18.41 22.29
N LEU A 359 -21.90 17.66 22.16
CA LEU A 359 -22.16 16.55 23.07
C LEU A 359 -21.01 15.55 23.04
N GLU A 360 -20.45 15.31 21.86
CA GLU A 360 -19.38 14.32 21.73
C GLU A 360 -18.13 14.81 22.44
N LYS A 361 -17.77 16.07 22.19
CA LYS A 361 -16.61 16.69 22.82
C LYS A 361 -16.66 16.59 24.35
N THR A 362 -17.84 16.78 24.91
CA THR A 362 -18.05 16.69 26.36
C THR A 362 -17.78 15.28 26.93
N SER A 363 -18.07 14.25 26.13
CA SER A 363 -17.88 12.87 26.60
C SER A 363 -16.40 12.54 26.79
N VAL A 364 -16.02 12.05 27.97
CA VAL A 364 -14.61 11.78 28.23
C VAL A 364 -14.32 10.35 28.68
N THR A 365 -15.06 9.86 29.67
CA THR A 365 -14.84 8.51 30.19
C THR A 365 -15.44 7.48 29.24
N GLY A 366 -14.99 6.23 29.36
CA GLY A 366 -15.53 5.14 28.56
C GLY A 366 -17.03 5.04 28.71
N GLU A 367 -17.52 5.11 29.94
CA GLU A 367 -18.97 5.10 30.18
C GLU A 367 -19.67 6.24 29.47
N GLU A 368 -19.07 7.43 29.48
CA GLU A 368 -19.67 8.58 28.80
C GLU A 368 -19.69 8.37 27.28
N HIS A 369 -18.62 7.79 26.76
CA HIS A 369 -18.59 7.45 25.34
C HIS A 369 -19.70 6.46 24.99
N VAL A 370 -19.87 5.45 25.84
CA VAL A 370 -20.89 4.44 25.60
C VAL A 370 -22.26 5.11 25.56
N ASP A 371 -22.52 5.96 26.55
CA ASP A 371 -23.81 6.66 26.61
C ASP A 371 -24.01 7.57 25.41
N PHE A 372 -22.95 8.23 24.99
CA PHE A 372 -23.05 9.11 23.83
C PHE A 372 -23.51 8.35 22.59
N GLN A 373 -22.85 7.25 22.28
CA GLN A 373 -23.20 6.50 21.07
C GLN A 373 -24.58 5.85 21.20
N THR A 374 -24.93 5.46 22.42
CA THR A 374 -26.24 4.93 22.70
C THR A 374 -27.29 5.96 22.35
N ASP A 375 -27.11 7.19 22.84
CA ASP A 375 -28.03 8.28 22.58
C ASP A 375 -28.16 8.60 21.09
N TYR A 376 -27.02 8.62 20.40
CA TYR A 376 -26.99 8.82 18.96
C TYR A 376 -27.86 7.79 18.23
N ILE A 377 -27.68 6.52 18.55
CA ILE A 377 -28.44 5.46 17.90
C ILE A 377 -29.92 5.49 18.32
N LYS A 378 -30.18 5.80 19.58
CA LYS A 378 -31.57 5.87 20.05
C LYS A 378 -32.39 6.88 19.26
N GLU A 379 -31.79 8.01 18.93
CA GLU A 379 -32.51 8.99 18.14
C GLU A 379 -32.73 8.50 16.72
N LEU A 380 -31.69 7.94 16.13
CA LEU A 380 -31.76 7.57 14.72
C LEU A 380 -32.68 6.37 14.48
N ILE A 381 -32.69 5.44 15.42
CA ILE A 381 -33.46 4.20 15.23
C ILE A 381 -34.96 4.48 15.32
N GLU A 382 -35.35 5.55 15.99
CA GLU A 382 -36.77 5.91 16.09
C GLU A 382 -37.32 6.48 14.79
N MET A 383 -36.43 6.88 13.88
CA MET A 383 -36.84 7.58 12.67
C MET A 383 -37.21 6.68 11.52
N THR A 384 -36.95 5.38 11.64
CA THR A 384 -37.24 4.44 10.58
C THR A 384 -37.83 3.17 11.15
N ASP A 385 -38.22 2.26 10.26
CA ASP A 385 -38.82 1.01 10.68
C ASP A 385 -37.81 -0.09 11.00
N TYR A 386 -36.52 0.26 11.08
CA TYR A 386 -35.57 -0.72 11.62
C TYR A 386 -36.06 -1.02 13.02
N PRO A 387 -36.28 -2.31 13.36
CA PRO A 387 -36.93 -2.61 14.64
C PRO A 387 -36.17 -2.12 15.85
N THR A 388 -36.82 -1.23 16.60
CA THR A 388 -36.22 -0.64 17.79
C THR A 388 -36.00 -1.68 18.88
N PHE A 389 -34.79 -1.71 19.41
CA PHE A 389 -34.46 -2.63 20.49
C PHE A 389 -34.04 -1.82 21.71
N ASP A 390 -33.80 -2.50 22.83
CA ASP A 390 -33.54 -1.82 24.10
C ASP A 390 -32.10 -1.30 24.20
N LEU A 391 -31.86 -0.12 23.64
CA LEU A 391 -30.52 0.48 23.63
C LEU A 391 -29.98 0.70 25.03
N ASP A 392 -30.84 1.08 25.97
CA ASP A 392 -30.37 1.30 27.33
C ASP A 392 -29.75 0.03 27.88
N ARG A 393 -30.31 -1.11 27.50
CA ARG A 393 -29.79 -2.38 27.99
C ARG A 393 -28.44 -2.73 27.37
N VAL A 394 -28.26 -2.40 26.09
CA VAL A 394 -26.97 -2.61 25.45
C VAL A 394 -25.88 -1.72 26.08
N ALA A 395 -26.23 -0.47 26.39
CA ALA A 395 -25.31 0.44 27.09
C ALA A 395 -24.84 -0.21 28.38
N GLU A 396 -25.77 -0.78 29.14
CA GLU A 396 -25.41 -1.48 30.38
C GLU A 396 -24.45 -2.64 30.12
N MET A 397 -24.69 -3.37 29.04
CA MET A 397 -23.81 -4.49 28.71
C MET A 397 -22.42 -3.99 28.33
N PHE A 398 -22.33 -2.90 27.58
CA PHE A 398 -21.02 -2.32 27.28
C PHE A 398 -20.31 -1.90 28.58
N LYS A 399 -21.05 -1.30 29.51
CA LYS A 399 -20.42 -0.88 30.76
C LYS A 399 -19.93 -2.08 31.57
N SER A 400 -20.68 -3.18 31.50
CA SER A 400 -20.27 -4.42 32.14
C SER A 400 -19.00 -4.96 31.50
N TRP A 401 -18.95 -4.90 30.18
CA TRP A 401 -17.76 -5.37 29.44
C TRP A 401 -16.53 -4.57 29.85
N LEU A 402 -16.65 -3.24 29.92
CA LEU A 402 -15.54 -2.43 30.44
C LEU A 402 -15.13 -2.88 31.83
N ASN A 403 -16.12 -3.16 32.67
CA ASN A 403 -15.85 -3.67 34.02
C ASN A 403 -15.14 -5.03 34.00
N ASP A 404 -15.61 -5.95 33.16
CA ASP A 404 -14.99 -7.25 33.04
C ASP A 404 -13.53 -7.13 32.64
N LYS A 405 -13.24 -6.21 31.72
CA LYS A 405 -11.87 -6.04 31.22
C LYS A 405 -10.95 -5.47 32.29
N GLU A 406 -11.49 -4.58 33.10
CA GLU A 406 -10.72 -4.02 34.20
C GLU A 406 -10.44 -5.09 35.25
N THR A 407 -11.44 -5.93 35.54
CA THR A 407 -11.34 -6.95 36.57
C THR A 407 -10.34 -8.05 36.21
N ASN A 408 -10.45 -8.59 35.00
CA ASN A 408 -9.53 -9.65 34.57
C ASN A 408 -9.45 -9.65 33.05
N ILE A 409 -8.38 -9.08 32.53
CA ILE A 409 -8.24 -8.89 31.09
C ILE A 409 -8.04 -10.23 30.36
N LEU A 410 -7.58 -11.25 31.08
CA LEU A 410 -7.32 -12.56 30.46
C LEU A 410 -8.56 -13.44 30.28
N ASN A 411 -9.62 -13.17 31.04
CA ASN A 411 -10.80 -14.03 30.96
C ASN A 411 -12.11 -13.33 30.61
N TYR A 412 -12.02 -12.07 30.20
CA TYR A 412 -13.24 -11.35 29.88
C TYR A 412 -14.04 -12.02 28.77
N ARG A 413 -13.35 -12.73 27.87
CA ARG A 413 -14.05 -13.40 26.79
C ARG A 413 -14.80 -14.66 27.22
N ASP A 414 -14.67 -15.02 28.50
CA ASP A 414 -15.35 -16.20 29.02
C ASP A 414 -16.68 -15.83 29.66
N LYS A 415 -16.95 -14.53 29.75
CA LYS A 415 -18.20 -14.05 30.33
C LYS A 415 -19.34 -14.19 29.33
N VAL A 416 -20.56 -14.33 29.84
CA VAL A 416 -21.73 -14.51 28.98
C VAL A 416 -22.82 -13.47 29.21
N TYR A 417 -23.42 -13.01 28.11
CA TYR A 417 -24.40 -11.95 28.14
C TYR A 417 -25.71 -12.43 27.55
N THR A 418 -26.76 -11.62 27.75
CA THR A 418 -28.09 -11.99 27.29
C THR A 418 -28.52 -11.13 26.11
N SER A 419 -29.04 -11.75 25.06
CA SER A 419 -29.48 -11.03 23.87
C SER A 419 -30.62 -10.07 24.18
N VAL A 420 -30.54 -8.86 23.62
CA VAL A 420 -31.64 -7.92 23.75
C VAL A 420 -32.65 -8.09 22.65
N MET A 421 -32.33 -8.96 21.69
CA MET A 421 -33.22 -9.26 20.57
C MET A 421 -34.15 -10.41 20.91
N THR A 422 -33.61 -11.42 21.59
CA THR A 422 -34.35 -12.67 21.83
C THR A 422 -34.45 -13.06 23.30
N GLY A 423 -33.68 -12.40 24.15
CA GLY A 423 -33.63 -12.75 25.56
C GLY A 423 -32.86 -14.03 25.85
N VAL A 424 -32.19 -14.57 24.85
CA VAL A 424 -31.38 -15.77 25.04
C VAL A 424 -30.05 -15.46 25.71
N THR A 425 -29.74 -16.21 26.77
CA THR A 425 -28.47 -16.04 27.45
C THR A 425 -27.42 -16.93 26.81
N ALA A 426 -26.28 -16.33 26.48
CA ALA A 426 -25.18 -17.08 25.87
C ALA A 426 -24.73 -18.20 26.81
N GLU A 427 -24.17 -19.26 26.22
CA GLU A 427 -23.69 -20.38 27.00
C GLU A 427 -22.18 -20.32 27.08
N GLU A 428 -21.65 -20.58 28.28
CA GLU A 428 -20.21 -20.67 28.47
C GLU A 428 -19.60 -21.61 27.45
N HIS A 429 -18.49 -21.19 26.86
CA HIS A 429 -17.84 -21.95 25.79
C HIS A 429 -17.17 -23.20 26.33
N HIS A 430 -17.01 -24.20 25.47
CA HIS A 430 -16.45 -25.48 25.90
C HIS A 430 -15.00 -25.37 26.37
N THR A 431 -14.33 -24.27 26.01
CA THR A 431 -12.92 -24.06 26.34
C THR A 431 -12.66 -22.62 26.80
N PRO A 432 -11.92 -22.44 27.91
CA PRO A 432 -11.60 -21.08 28.36
C PRO A 432 -10.74 -20.38 27.31
N TRP A 433 -10.95 -19.09 27.11
CA TRP A 433 -10.30 -18.40 26.00
C TRP A 433 -8.78 -18.51 26.03
N MET A 434 -8.18 -18.41 27.21
CA MET A 434 -6.72 -18.50 27.31
C MET A 434 -6.18 -19.86 26.89
N LYS A 435 -7.04 -20.88 26.96
CA LYS A 435 -6.61 -22.23 26.61
C LYS A 435 -6.95 -22.59 25.16
N GLU A 436 -7.65 -21.70 24.46
CA GLU A 436 -8.09 -22.02 23.11
C GLU A 436 -7.17 -21.42 22.05
N LEU A 437 -6.31 -22.25 21.48
CA LEU A 437 -5.37 -21.76 20.45
C LEU A 437 -5.86 -22.08 19.03
N ASP A 438 -7.03 -22.70 18.94
CA ASP A 438 -7.62 -23.08 17.67
C ASP A 438 -8.81 -22.16 17.43
N ASP A 439 -8.70 -21.27 16.45
CA ASP A 439 -9.74 -20.27 16.22
C ASP A 439 -10.73 -20.65 15.11
N SER A 440 -10.70 -21.91 14.67
CA SER A 440 -11.56 -22.34 13.57
C SER A 440 -13.04 -22.38 13.91
N LEU A 441 -13.87 -22.10 12.92
CA LEU A 441 -15.30 -22.19 13.05
C LEU A 441 -15.69 -23.60 13.49
N GLU A 442 -15.02 -24.60 12.91
CA GLU A 442 -15.32 -25.99 13.21
C GLU A 442 -15.06 -26.32 14.68
N ARG A 443 -13.90 -25.92 15.20
CA ARG A 443 -13.57 -26.17 16.59
C ARG A 443 -14.58 -25.47 17.51
N TYR A 444 -14.89 -24.23 17.17
CA TYR A 444 -15.81 -23.45 17.96
C TYR A 444 -17.21 -24.06 18.06
N LEU A 445 -17.78 -24.47 16.93
CA LEU A 445 -19.15 -24.97 16.94
C LEU A 445 -19.25 -26.44 17.30
N ASP A 446 -18.09 -27.11 17.36
CA ASP A 446 -18.07 -28.55 17.62
C ASP A 446 -17.02 -28.93 18.67
N MET B 1 7.69 32.21 -24.11
CA MET B 1 7.12 30.92 -23.71
C MET B 1 6.14 30.40 -24.75
N LEU B 2 6.32 29.16 -25.17
CA LEU B 2 5.45 28.56 -26.17
C LEU B 2 4.03 28.43 -25.64
N ASN B 3 3.05 28.44 -26.56
CA ASN B 3 1.66 28.25 -26.19
C ASN B 3 1.34 26.75 -26.10
N LEU B 4 1.96 26.10 -25.12
CA LEU B 4 1.89 24.66 -24.99
C LEU B 4 2.07 24.35 -23.52
N LYS B 5 1.32 23.38 -22.99
CA LYS B 5 1.45 23.03 -21.59
C LYS B 5 1.83 21.57 -21.49
N VAL B 6 2.88 21.28 -20.71
CA VAL B 6 3.37 19.92 -20.60
C VAL B 6 3.36 19.53 -19.13
N GLY B 7 2.76 18.39 -18.82
CA GLY B 7 2.73 17.90 -17.45
C GLY B 7 3.62 16.67 -17.36
N ILE B 8 4.41 16.60 -16.29
CA ILE B 8 5.30 15.49 -16.05
C ILE B 8 4.95 14.83 -14.72
N ILE B 9 4.68 13.53 -14.75
CA ILE B 9 4.34 12.79 -13.54
C ILE B 9 5.56 12.01 -13.06
N GLY B 10 6.09 12.40 -11.90
CA GLY B 10 7.31 11.80 -11.38
C GLY B 10 8.52 12.72 -11.47
N ALA B 11 9.23 12.88 -10.35
CA ALA B 11 10.50 13.59 -10.35
C ALA B 11 11.63 12.66 -9.92
N GLY B 12 11.52 11.40 -10.35
CA GLY B 12 12.65 10.52 -10.29
C GLY B 12 13.57 10.79 -11.48
N PRO B 13 14.60 9.96 -11.68
CA PRO B 13 15.52 10.14 -12.81
C PRO B 13 14.83 10.39 -14.15
N SER B 14 13.71 9.72 -14.45
CA SER B 14 13.05 9.93 -15.74
C SER B 14 12.42 11.32 -15.87
N GLY B 15 11.61 11.69 -14.89
CA GLY B 15 11.03 13.03 -14.87
C GLY B 15 12.08 14.13 -14.86
N LEU B 16 13.15 13.91 -14.10
CA LEU B 16 14.25 14.87 -14.06
C LEU B 16 14.95 14.97 -15.42
N ALA B 17 15.04 13.86 -16.15
CA ALA B 17 15.61 13.89 -17.49
C ALA B 17 14.74 14.72 -18.42
N MET B 18 13.42 14.63 -18.29
CA MET B 18 12.50 15.48 -19.05
C MET B 18 12.79 16.95 -18.74
N LEU B 19 12.95 17.27 -17.46
CA LEU B 19 13.28 18.65 -17.08
C LEU B 19 14.65 19.05 -17.63
N ARG B 20 15.61 18.13 -17.62
CA ARG B 20 16.94 18.40 -18.19
C ARG B 20 16.85 18.75 -19.68
N ALA B 21 16.02 18.03 -20.43
CA ALA B 21 15.91 18.25 -21.88
C ALA B 21 15.39 19.67 -22.13
N PHE B 22 14.39 20.07 -21.35
CA PHE B 22 13.83 21.41 -21.49
C PHE B 22 14.78 22.48 -20.99
N GLU B 23 15.48 22.22 -19.89
CA GLU B 23 16.45 23.21 -19.42
C GLU B 23 17.52 23.46 -20.49
N SER B 24 17.97 22.39 -21.15
CA SER B 24 18.97 22.53 -22.21
C SER B 24 18.46 23.40 -23.36
N GLU B 25 17.18 23.24 -23.69
CA GLU B 25 16.56 24.04 -24.73
C GLU B 25 16.53 25.51 -24.35
N GLN B 26 16.17 25.78 -23.09
CA GLN B 26 16.08 27.16 -22.64
C GLN B 26 17.47 27.81 -22.52
N LYS B 27 18.49 27.02 -22.19
CA LYS B 27 19.86 27.54 -22.15
C LYS B 27 20.38 27.96 -23.54
N LYS B 28 19.79 27.41 -24.60
CA LYS B 28 20.10 27.87 -25.96
C LYS B 28 19.56 29.28 -26.20
N GLY B 29 18.63 29.69 -25.34
CA GLY B 29 17.91 30.94 -25.54
C GLY B 29 16.62 30.70 -26.31
N ASN B 30 16.21 29.44 -26.43
CA ASN B 30 14.99 29.08 -27.14
C ASN B 30 13.80 29.03 -26.20
N PRO B 31 12.60 29.36 -26.71
CA PRO B 31 11.40 29.33 -25.87
C PRO B 31 10.99 27.89 -25.59
N ILE B 32 10.39 27.66 -24.43
CA ILE B 32 9.89 26.32 -24.11
C ILE B 32 8.44 26.42 -23.67
N PRO B 33 7.73 25.27 -23.65
CA PRO B 33 6.35 25.30 -23.19
C PRO B 33 6.27 25.57 -21.70
N GLU B 34 5.06 25.77 -21.19
CA GLU B 34 4.85 25.83 -19.75
C GLU B 34 4.95 24.40 -19.23
N ILE B 35 5.84 24.16 -18.26
CA ILE B 35 6.09 22.82 -17.77
C ILE B 35 5.79 22.72 -16.28
N LYS B 36 5.13 21.65 -15.87
CA LYS B 36 4.83 21.40 -14.47
C LYS B 36 5.13 19.95 -14.16
N CYS B 37 5.92 19.70 -13.12
CA CYS B 37 6.25 18.34 -12.71
C CYS B 37 5.64 18.06 -11.33
N TYR B 38 5.08 16.86 -11.16
CA TYR B 38 4.40 16.51 -9.92
C TYR B 38 4.96 15.22 -9.37
N GLU B 39 5.31 15.23 -8.08
CA GLU B 39 6.02 14.11 -7.47
C GLU B 39 5.35 13.70 -6.17
N LYS B 40 5.08 12.40 -6.03
CA LYS B 40 4.41 11.85 -4.84
C LYS B 40 5.20 12.02 -3.53
N GLN B 41 6.52 11.86 -3.62
CA GLN B 41 7.40 11.91 -2.45
C GLN B 41 7.76 13.35 -2.04
N ASP B 42 8.45 13.48 -0.90
CA ASP B 42 8.83 14.80 -0.40
C ASP B 42 10.16 15.28 -1.01
N ASN B 43 10.83 14.39 -1.72
CA ASN B 43 12.12 14.72 -2.35
C ASN B 43 12.13 14.24 -3.79
N TRP B 44 13.05 14.77 -4.58
CA TRP B 44 13.29 14.24 -5.92
C TRP B 44 14.19 13.01 -5.86
N GLY B 45 14.40 12.37 -7.00
CA GLY B 45 15.35 11.27 -7.05
C GLY B 45 14.70 9.91 -7.10
N GLY B 46 13.38 9.87 -6.88
CA GLY B 46 12.65 8.63 -7.11
C GLY B 46 13.09 7.46 -6.24
N MET B 47 13.36 6.34 -6.89
CA MET B 47 13.77 5.08 -6.27
C MET B 47 15.00 5.25 -5.36
N TRP B 48 15.81 6.26 -5.63
CA TRP B 48 17.05 6.46 -4.88
C TRP B 48 16.84 6.91 -3.43
N ASN B 49 15.66 7.42 -3.12
CA ASN B 49 15.36 7.81 -1.75
C ASN B 49 15.10 6.59 -0.87
N TYR B 50 15.89 6.45 0.18
CA TYR B 50 15.63 5.34 1.11
C TYR B 50 14.53 5.74 2.08
N THR B 51 13.62 4.82 2.37
CA THR B 51 12.67 5.05 3.45
C THR B 51 12.59 3.82 4.35
N TRP B 52 12.45 4.06 5.65
CA TRP B 52 12.24 2.99 6.60
C TRP B 52 10.84 2.40 6.48
N ARG B 53 9.93 3.12 5.84
CA ARG B 53 8.53 2.67 5.73
C ARG B 53 8.33 1.57 4.70
N THR B 54 7.35 0.73 4.94
CA THR B 54 6.99 -0.35 4.03
C THR B 54 5.46 -0.39 3.85
N GLY B 55 5.00 -0.97 2.75
CA GLY B 55 3.57 -1.09 2.47
C GLY B 55 2.99 0.20 1.90
N VAL B 56 2.56 1.08 2.79
CA VAL B 56 2.09 2.41 2.39
C VAL B 56 2.81 3.45 3.22
N GLY B 57 2.84 4.69 2.72
CA GLY B 57 3.55 5.78 3.36
C GLY B 57 2.70 6.52 4.38
N LYS B 58 3.22 7.64 4.88
CA LYS B 58 2.55 8.33 5.99
C LYS B 58 1.18 8.84 5.60
N TYR B 59 0.96 9.03 4.30
CA TYR B 59 -0.35 9.51 3.83
C TYR B 59 -1.24 8.41 3.26
N GLY B 60 -0.80 7.16 3.37
CA GLY B 60 -1.61 6.03 2.94
C GLY B 60 -1.45 5.59 1.49
N GLU B 61 -0.54 6.22 0.72
CA GLU B 61 -0.29 5.77 -0.65
C GLU B 61 0.69 4.61 -0.64
N PRO B 62 0.59 3.70 -1.62
CA PRO B 62 1.61 2.66 -1.69
C PRO B 62 3.01 3.26 -1.65
N ILE B 63 3.89 2.62 -0.90
CA ILE B 63 5.28 3.05 -0.77
C ILE B 63 5.97 2.90 -2.12
N HIS B 64 6.61 3.96 -2.58
CA HIS B 64 7.31 3.84 -3.83
C HIS B 64 8.62 3.06 -3.71
N GLY B 65 9.38 3.37 -2.66
CA GLY B 65 10.74 2.89 -2.53
C GLY B 65 10.90 1.38 -2.41
N SER B 66 11.89 0.84 -3.10
CA SER B 66 12.27 -0.56 -2.98
C SER B 66 13.74 -0.70 -2.54
N MET B 67 14.42 0.42 -2.27
CA MET B 67 15.82 0.28 -1.90
C MET B 67 15.95 -0.11 -0.43
N TYR B 68 17.07 -0.78 -0.11
CA TYR B 68 17.30 -1.27 1.25
C TYR B 68 18.62 -0.76 1.76
N LYS B 69 18.82 -0.90 3.07
CA LYS B 69 20.11 -0.66 3.67
C LYS B 69 21.12 -1.63 3.05
N TYR B 70 22.38 -1.20 3.01
CA TYR B 70 23.47 -2.01 2.50
C TYR B 70 23.35 -2.27 1.00
N LEU B 71 22.66 -1.37 0.29
CA LEU B 71 22.60 -1.46 -1.17
C LEU B 71 23.83 -0.79 -1.77
N TRP B 72 24.47 -1.48 -2.72
CA TRP B 72 25.62 -0.91 -3.43
C TRP B 72 25.32 -0.87 -4.92
N SER B 73 26.17 -0.16 -5.68
CA SER B 73 26.01 -0.01 -7.12
C SER B 73 25.75 -1.34 -7.83
N ASN B 74 24.72 -1.38 -8.67
CA ASN B 74 24.38 -2.61 -9.39
C ASN B 74 25.50 -3.06 -10.32
N GLY B 75 25.86 -2.19 -11.27
CA GLY B 75 26.97 -2.43 -12.17
C GLY B 75 28.05 -1.39 -11.90
N PRO B 76 29.10 -1.36 -12.72
CA PRO B 76 30.18 -0.39 -12.49
C PRO B 76 29.65 1.05 -12.54
N LYS B 77 30.15 1.92 -11.67
CA LYS B 77 29.69 3.29 -11.66
C LYS B 77 30.01 3.97 -12.99
N GLU B 78 31.00 3.43 -13.70
CA GLU B 78 31.40 3.95 -15.00
C GLU B 78 30.32 3.75 -16.08
N CYS B 79 29.39 2.85 -15.84
CA CYS B 79 28.27 2.65 -16.75
C CYS B 79 27.10 3.57 -16.43
N LEU B 80 27.15 4.22 -15.28
CA LEU B 80 26.16 5.20 -14.84
C LEU B 80 26.60 6.61 -15.19
N GLU B 81 27.91 6.87 -15.09
CA GLU B 81 28.47 8.21 -15.11
C GLU B 81 27.86 9.12 -16.17
N PHE B 82 27.54 10.34 -15.75
CA PHE B 82 27.00 11.38 -16.61
C PHE B 82 28.09 12.09 -17.41
N SER B 83 27.80 12.41 -18.66
CA SER B 83 28.73 13.17 -19.50
C SER B 83 28.98 14.57 -18.93
N ASP B 84 27.92 15.22 -18.43
CA ASP B 84 27.95 16.63 -18.07
C ASP B 84 28.36 16.88 -16.63
N TYR B 85 28.58 15.82 -15.88
CA TYR B 85 28.86 15.95 -14.45
C TYR B 85 29.53 14.67 -14.03
N THR B 86 30.86 14.67 -14.02
CA THR B 86 31.62 13.44 -13.88
C THR B 86 31.88 13.08 -12.42
N PHE B 87 32.25 11.83 -12.17
CA PHE B 87 32.60 11.45 -10.81
C PHE B 87 33.82 12.24 -10.32
N MET B 88 34.76 12.51 -11.21
CA MET B 88 35.92 13.30 -10.80
C MET B 88 35.51 14.72 -10.43
N GLU B 89 34.59 15.29 -11.20
CA GLU B 89 34.09 16.62 -10.88
C GLU B 89 33.41 16.68 -9.52
N HIS B 90 32.63 15.66 -9.20
CA HIS B 90 31.85 15.70 -7.98
C HIS B 90 32.69 15.39 -6.75
N PHE B 91 33.51 14.35 -6.84
CA PHE B 91 34.22 13.87 -5.66
C PHE B 91 35.64 14.41 -5.55
N LYS B 92 36.17 14.97 -6.65
CA LYS B 92 37.49 15.59 -6.63
C LYS B 92 38.58 14.62 -6.17
N GLN B 93 38.32 13.33 -6.38
CA GLN B 93 39.25 12.29 -5.99
C GLN B 93 38.73 10.99 -6.57
N PRO B 94 39.65 10.07 -6.90
CA PRO B 94 39.21 8.77 -7.42
C PRO B 94 38.53 7.97 -6.32
N ILE B 95 37.50 7.23 -6.70
CA ILE B 95 36.86 6.28 -5.81
C ILE B 95 36.76 4.95 -6.53
N SER B 96 36.18 3.95 -5.89
CA SER B 96 36.10 2.63 -6.49
C SER B 96 34.98 2.60 -7.52
N SER B 97 34.81 1.48 -8.19
CA SER B 97 33.79 1.35 -9.22
C SER B 97 32.41 0.99 -8.67
N TYR B 98 32.36 0.63 -7.39
CA TYR B 98 31.09 0.20 -6.79
C TYR B 98 30.82 0.90 -5.46
N PRO B 99 30.35 2.15 -5.52
CA PRO B 99 30.02 2.90 -4.30
C PRO B 99 28.67 2.44 -3.73
N PRO B 100 28.44 2.72 -2.44
CA PRO B 100 27.14 2.39 -1.83
C PRO B 100 26.08 3.39 -2.23
N ARG B 101 24.81 3.09 -1.96
CA ARG B 101 23.71 3.96 -2.36
C ARG B 101 23.91 5.41 -1.94
N GLU B 102 24.31 5.66 -0.69
CA GLU B 102 24.38 7.04 -0.21
C GLU B 102 25.37 7.87 -1.04
N VAL B 103 26.43 7.21 -1.49
CA VAL B 103 27.45 7.88 -2.27
C VAL B 103 26.95 8.15 -3.70
N LEU B 104 26.31 7.17 -4.31
CA LEU B 104 25.74 7.38 -5.64
C LEU B 104 24.68 8.47 -5.62
N PHE B 105 23.85 8.46 -4.58
CA PHE B 105 22.78 9.46 -4.48
C PHE B 105 23.34 10.85 -4.20
N ASP B 106 24.48 10.93 -3.50
CA ASP B 106 25.13 12.21 -3.27
C ASP B 106 25.56 12.81 -4.61
N TYR B 107 26.10 11.95 -5.48
CA TYR B 107 26.49 12.33 -6.83
C TYR B 107 25.28 12.73 -7.67
N ILE B 108 24.26 11.86 -7.66
CA ILE B 108 23.05 12.13 -8.41
C ILE B 108 22.45 13.48 -8.02
N GLN B 109 22.34 13.73 -6.72
CA GLN B 109 21.74 14.97 -6.23
C GLN B 109 22.65 16.18 -6.46
N GLY B 110 23.94 15.93 -6.45
CA GLY B 110 24.91 16.98 -6.76
C GLY B 110 24.57 17.63 -8.09
N ARG B 111 24.22 16.80 -9.07
CA ARG B 111 23.84 17.34 -10.37
C ARG B 111 22.47 17.99 -10.35
N ILE B 112 21.50 17.33 -9.71
CA ILE B 112 20.14 17.89 -9.67
C ILE B 112 20.14 19.27 -9.02
N LYS B 113 20.92 19.45 -7.97
CA LYS B 113 20.89 20.74 -7.27
C LYS B 113 21.49 21.89 -8.08
N GLN B 114 22.33 21.55 -9.06
CA GLN B 114 22.85 22.57 -9.98
C GLN B 114 21.87 22.91 -11.09
N SER B 115 20.85 22.06 -11.28
CA SER B 115 19.86 22.26 -12.34
C SER B 115 18.77 23.21 -11.87
N ASN B 116 17.85 23.53 -12.77
CA ASN B 116 16.70 24.37 -12.39
C ASN B 116 15.48 23.53 -12.06
N ALA B 117 15.68 22.24 -11.81
CA ALA B 117 14.57 21.34 -11.53
C ALA B 117 13.64 21.85 -10.42
N ARG B 118 14.22 22.43 -9.37
CA ARG B 118 13.42 22.89 -8.23
C ARG B 118 12.33 23.86 -8.66
N ASP B 119 12.55 24.57 -9.76
CA ASP B 119 11.60 25.59 -10.21
C ASP B 119 10.30 25.00 -10.76
N PHE B 120 10.32 23.70 -11.08
CA PHE B 120 9.22 23.10 -11.83
C PHE B 120 8.44 22.01 -11.10
N ILE B 121 8.91 21.61 -9.93
CA ILE B 121 8.32 20.43 -9.27
C ILE B 121 7.44 20.79 -8.07
N LYS B 122 6.25 20.20 -8.02
CA LYS B 122 5.41 20.25 -6.84
C LYS B 122 5.49 18.88 -6.17
N PHE B 123 5.89 18.87 -4.91
CA PHE B 123 6.13 17.62 -4.18
C PHE B 123 4.93 17.20 -3.34
N ASN B 124 5.00 16.01 -2.77
CA ASN B 124 3.91 15.45 -1.99
C ASN B 124 2.58 15.46 -2.70
N THR B 125 2.62 15.23 -4.01
CA THR B 125 1.42 15.35 -4.82
C THR B 125 1.33 14.18 -5.79
N VAL B 126 0.20 13.48 -5.76
CA VAL B 126 0.04 12.32 -6.62
C VAL B 126 -0.93 12.55 -7.76
N ALA B 127 -0.57 12.13 -8.96
CA ALA B 127 -1.54 12.09 -10.05
C ALA B 127 -2.54 11.00 -9.68
N ARG B 128 -3.82 11.35 -9.63
CA ARG B 128 -4.85 10.43 -9.15
C ARG B 128 -5.70 9.89 -10.30
N TRP B 129 -6.01 10.74 -11.26
CA TRP B 129 -6.84 10.32 -12.38
C TRP B 129 -6.61 11.20 -13.60
N VAL B 130 -6.80 10.61 -14.78
CA VAL B 130 -6.55 11.29 -16.06
C VAL B 130 -7.70 11.02 -17.02
N ASP B 131 -8.27 12.09 -17.56
CA ASP B 131 -9.22 12.01 -18.66
C ASP B 131 -8.55 12.63 -19.89
N TYR B 132 -8.66 11.97 -21.04
CA TYR B 132 -8.24 12.62 -22.28
C TYR B 132 -9.47 13.23 -22.95
N LEU B 133 -9.40 14.51 -23.27
CA LEU B 133 -10.53 15.22 -23.85
C LEU B 133 -10.33 15.36 -25.35
N GLU B 134 -11.07 14.57 -26.13
CA GLU B 134 -10.88 14.52 -27.58
C GLU B 134 -11.03 15.87 -28.25
N ASP B 135 -12.01 16.65 -27.81
CA ASP B 135 -12.30 17.93 -28.45
C ASP B 135 -11.29 19.02 -28.09
N LYS B 136 -10.66 18.90 -26.92
CA LYS B 136 -9.64 19.87 -26.53
C LYS B 136 -8.25 19.40 -26.92
N LYS B 137 -8.10 18.12 -27.24
CA LYS B 137 -6.80 17.52 -27.47
C LYS B 137 -5.90 17.72 -26.26
N GLN B 138 -6.48 17.61 -25.07
CA GLN B 138 -5.74 17.80 -23.84
C GLN B 138 -6.05 16.71 -22.82
N PHE B 139 -5.16 16.57 -21.85
CA PHE B 139 -5.40 15.68 -20.73
C PHE B 139 -5.87 16.52 -19.57
N ARG B 140 -6.98 16.11 -18.96
CA ARG B 140 -7.40 16.66 -17.70
C ARG B 140 -6.86 15.75 -16.61
N VAL B 141 -6.00 16.26 -15.74
CA VAL B 141 -5.39 15.43 -14.72
C VAL B 141 -5.80 15.90 -13.35
N ILE B 142 -6.25 14.94 -12.53
CA ILE B 142 -6.61 15.19 -11.15
C ILE B 142 -5.42 14.86 -10.25
N PHE B 143 -5.04 15.80 -9.41
CA PHE B 143 -3.93 15.61 -8.47
C PHE B 143 -4.43 15.66 -7.02
N ASP B 144 -3.74 14.92 -6.16
CA ASP B 144 -4.05 14.88 -4.73
C ASP B 144 -2.82 15.41 -3.98
N ASP B 145 -2.93 16.62 -3.44
CA ASP B 145 -1.88 17.22 -2.62
C ASP B 145 -1.99 16.61 -1.24
N LEU B 146 -1.07 15.70 -0.91
CA LEU B 146 -1.20 14.88 0.30
C LEU B 146 -0.95 15.70 1.56
N VAL B 147 -0.13 16.73 1.44
CA VAL B 147 0.19 17.56 2.59
C VAL B 147 -0.95 18.50 2.94
N LYS B 148 -1.63 19.02 1.92
CA LYS B 148 -2.76 19.92 2.13
C LYS B 148 -4.09 19.18 2.26
N ASN B 149 -4.11 17.89 1.90
CA ASN B 149 -5.37 17.15 1.76
C ASN B 149 -6.34 17.93 0.87
N GLU B 150 -5.88 18.27 -0.32
CA GLU B 150 -6.68 18.98 -1.31
C GLU B 150 -6.49 18.32 -2.64
N THR B 151 -7.53 18.32 -3.47
CA THR B 151 -7.38 17.84 -4.83
C THR B 151 -7.49 19.03 -5.78
N PHE B 152 -6.87 18.93 -6.94
CA PHE B 152 -6.95 19.99 -7.95
C PHE B 152 -6.79 19.41 -9.35
N GLU B 153 -7.19 20.18 -10.34
CA GLU B 153 -7.09 19.67 -11.71
C GLU B 153 -6.25 20.60 -12.58
N GLU B 154 -5.52 20.00 -13.52
CA GLU B 154 -4.77 20.76 -14.51
C GLU B 154 -5.02 20.19 -15.91
N TYR B 155 -4.87 21.02 -16.93
CA TYR B 155 -4.98 20.55 -18.30
C TYR B 155 -3.63 20.65 -18.99
N PHE B 156 -3.27 19.62 -19.76
CA PHE B 156 -1.99 19.56 -20.47
C PHE B 156 -2.16 19.15 -21.93
N ASP B 157 -1.34 19.72 -22.81
CA ASP B 157 -1.34 19.32 -24.21
C ASP B 157 -0.54 18.05 -24.41
N TYR B 158 0.46 17.84 -23.56
CA TYR B 158 1.21 16.59 -23.54
C TYR B 158 1.36 16.14 -22.10
N LEU B 159 1.28 14.84 -21.90
CA LEU B 159 1.46 14.27 -20.57
C LEU B 159 2.61 13.28 -20.61
N VAL B 160 3.59 13.49 -19.73
CA VAL B 160 4.76 12.64 -19.67
C VAL B 160 4.72 11.80 -18.37
N VAL B 161 4.70 10.48 -18.53
CA VAL B 161 4.61 9.58 -17.39
C VAL B 161 5.98 8.95 -17.08
N GLY B 162 6.53 9.29 -15.92
CA GLY B 162 7.81 8.75 -15.51
C GLY B 162 7.68 8.19 -14.11
N THR B 163 6.72 7.30 -13.94
CA THR B 163 6.35 6.86 -12.59
C THR B 163 7.03 5.56 -12.18
N GLY B 164 7.94 5.09 -13.04
CA GLY B 164 8.67 3.86 -12.77
C GLY B 164 7.89 2.56 -12.89
N HIS B 165 8.61 1.44 -12.74
CA HIS B 165 7.95 0.13 -12.80
C HIS B 165 8.59 -0.91 -11.90
N PHE B 166 9.30 -0.44 -10.88
CA PHE B 166 9.90 -1.34 -9.89
C PHE B 166 9.33 -1.04 -8.50
N SER B 167 8.04 -0.75 -8.44
CA SER B 167 7.40 -0.39 -7.17
C SER B 167 6.17 -1.19 -6.78
N THR B 168 5.41 -1.65 -7.75
CA THR B 168 4.24 -2.49 -7.46
C THR B 168 4.63 -3.95 -7.59
N PRO B 169 4.65 -4.68 -6.48
CA PRO B 169 5.18 -6.06 -6.52
C PRO B 169 4.35 -7.00 -7.38
N ASN B 170 5.03 -7.90 -8.06
CA ASN B 170 4.42 -9.14 -8.48
C ASN B 170 4.63 -10.11 -7.33
N MET B 171 3.55 -10.46 -6.65
CA MET B 171 3.61 -11.20 -5.39
C MET B 171 2.68 -12.40 -5.49
N PRO B 172 3.13 -13.44 -6.18
CA PRO B 172 2.23 -14.56 -6.48
C PRO B 172 1.92 -15.42 -5.26
N TYR B 173 0.72 -15.99 -5.24
CA TYR B 173 0.35 -16.96 -4.24
C TYR B 173 1.12 -18.25 -4.49
N PHE B 174 1.52 -18.89 -3.40
CA PHE B 174 2.06 -20.24 -3.40
C PHE B 174 1.19 -21.09 -2.49
N LYS B 175 0.92 -22.32 -2.90
CA LYS B 175 0.08 -23.21 -2.11
C LYS B 175 0.56 -23.26 -0.67
N GLY B 176 -0.35 -23.03 0.25
CA GLY B 176 -0.04 -23.11 1.67
C GLY B 176 0.70 -21.94 2.29
N ILE B 177 0.98 -20.90 1.51
CA ILE B 177 1.80 -19.80 2.04
C ILE B 177 1.12 -19.08 3.21
N ASP B 178 -0.22 -19.15 3.25
CA ASP B 178 -0.97 -18.55 4.34
C ASP B 178 -0.80 -19.30 5.66
N SER B 179 -0.29 -20.54 5.58
CA SER B 179 0.01 -21.32 6.77
C SER B 179 1.42 -21.03 7.28
N PHE B 180 2.22 -20.30 6.52
CA PHE B 180 3.57 -19.99 6.96
C PHE B 180 3.54 -19.06 8.17
N PRO B 181 4.16 -19.48 9.28
CA PRO B 181 4.09 -18.70 10.53
C PRO B 181 5.10 -17.56 10.65
N GLY B 182 6.17 -17.58 9.84
CA GLY B 182 7.18 -16.54 9.94
C GLY B 182 6.90 -15.34 9.06
N THR B 183 7.91 -14.48 8.92
CA THR B 183 7.84 -13.34 8.01
C THR B 183 7.59 -13.78 6.55
N VAL B 184 6.61 -13.17 5.89
CA VAL B 184 6.42 -13.36 4.46
C VAL B 184 6.30 -11.98 3.83
N MET B 185 7.24 -11.66 2.95
CA MET B 185 7.26 -10.32 2.37
C MET B 185 7.75 -10.40 0.94
N HIS B 186 7.49 -9.35 0.18
CA HIS B 186 8.10 -9.20 -1.13
C HIS B 186 9.41 -8.42 -0.98
N ALA B 187 10.34 -8.63 -1.90
CA ALA B 187 11.58 -7.84 -1.94
C ALA B 187 11.33 -6.34 -1.83
N HIS B 188 10.21 -5.86 -2.37
CA HIS B 188 9.84 -4.45 -2.29
C HIS B 188 9.87 -3.92 -0.85
N ASP B 189 9.57 -4.81 0.11
CA ASP B 189 9.47 -4.46 1.54
C ASP B 189 10.77 -4.69 2.30
N PHE B 190 11.74 -5.29 1.64
CA PHE B 190 13.02 -5.60 2.29
C PHE B 190 13.77 -4.30 2.57
N ARG B 191 14.23 -4.14 3.80
CA ARG B 191 14.94 -2.90 4.14
C ARG B 191 16.34 -3.13 4.68
N GLY B 192 16.73 -4.39 4.79
CA GLY B 192 18.06 -4.72 5.29
C GLY B 192 18.07 -6.04 6.02
N ALA B 193 19.25 -6.65 6.11
CA ALA B 193 19.37 -8.02 6.60
C ALA B 193 19.43 -8.16 8.12
N ASP B 194 19.51 -7.04 8.84
CA ASP B 194 19.70 -7.10 10.29
C ASP B 194 18.61 -7.91 10.99
N GLN B 195 17.36 -7.75 10.55
CA GLN B 195 16.24 -8.46 11.17
C GLN B 195 16.32 -9.96 10.94
N PHE B 196 17.15 -10.38 9.99
CA PHE B 196 17.23 -11.80 9.66
C PHE B 196 18.52 -12.47 10.14
N ILE B 197 19.24 -11.77 11.03
CA ILE B 197 20.45 -12.34 11.58
C ILE B 197 20.13 -13.62 12.34
N ASP B 198 20.91 -14.67 12.10
CA ASP B 198 20.71 -15.97 12.76
C ASP B 198 19.42 -16.66 12.38
N LYS B 199 18.87 -16.34 11.21
CA LYS B 199 17.64 -16.98 10.73
C LYS B 199 17.86 -17.75 9.43
N ASP B 200 16.98 -18.72 9.18
CA ASP B 200 16.99 -19.46 7.92
C ASP B 200 16.03 -18.78 6.97
N ILE B 201 16.57 -18.31 5.84
CA ILE B 201 15.80 -17.49 4.91
C ILE B 201 15.57 -18.18 3.57
N LEU B 202 14.33 -18.10 3.09
CA LEU B 202 13.98 -18.59 1.76
C LEU B 202 13.70 -17.42 0.83
N LEU B 203 14.46 -17.31 -0.25
CA LEU B 203 14.18 -16.32 -1.27
C LEU B 203 13.59 -17.03 -2.48
N ILE B 204 12.50 -16.50 -3.01
CA ILE B 204 11.90 -17.09 -4.20
C ILE B 204 12.13 -16.16 -5.39
N GLY B 205 12.80 -16.69 -6.40
CA GLY B 205 13.18 -15.89 -7.57
C GLY B 205 14.66 -16.07 -7.84
N SER B 206 15.11 -15.63 -9.01
CA SER B 206 16.50 -15.88 -9.39
C SER B 206 17.15 -14.70 -10.11
N SER B 207 16.61 -13.50 -9.93
CA SER B 207 17.14 -12.34 -10.63
C SER B 207 17.90 -11.44 -9.67
N TYR B 208 18.01 -10.15 -10.01
CA TYR B 208 18.85 -9.21 -9.26
C TYR B 208 18.55 -9.21 -7.77
N SER B 209 17.26 -9.08 -7.44
CA SER B 209 16.84 -8.99 -6.05
C SER B 209 17.24 -10.22 -5.25
N ALA B 210 16.96 -11.39 -5.82
CA ALA B 210 17.24 -12.64 -5.14
C ALA B 210 18.73 -12.75 -4.87
N GLU B 211 19.52 -12.48 -5.89
CA GLU B 211 20.97 -12.56 -5.80
C GLU B 211 21.52 -11.57 -4.77
N ASP B 212 21.11 -10.32 -4.88
CA ASP B 212 21.67 -9.30 -4.01
C ASP B 212 21.20 -9.43 -2.57
N ILE B 213 19.90 -9.69 -2.37
CA ILE B 213 19.40 -9.85 -1.01
C ILE B 213 19.95 -11.12 -0.37
N GLY B 214 20.06 -12.18 -1.15
CA GLY B 214 20.63 -13.42 -0.68
C GLY B 214 22.06 -13.26 -0.19
N VAL B 215 22.90 -12.61 -0.99
CA VAL B 215 24.27 -12.37 -0.60
C VAL B 215 24.33 -11.47 0.62
N GLN B 216 23.47 -10.46 0.67
CA GLN B 216 23.48 -9.57 1.82
C GLN B 216 23.17 -10.32 3.11
N CYS B 217 22.15 -11.16 3.06
CA CYS B 217 21.76 -11.95 4.24
C CYS B 217 22.90 -12.85 4.69
N PHE B 218 23.57 -13.49 3.73
CA PHE B 218 24.73 -14.32 4.03
C PHE B 218 25.85 -13.51 4.67
N LYS B 219 26.21 -12.40 4.02
CA LYS B 219 27.27 -11.52 4.49
C LYS B 219 27.00 -10.99 5.89
N HIS B 220 25.76 -10.65 6.17
CA HIS B 220 25.43 -9.95 7.40
C HIS B 220 25.06 -10.86 8.57
N GLY B 221 25.04 -12.17 8.31
CA GLY B 221 24.91 -13.14 9.38
C GLY B 221 23.65 -13.97 9.51
N SER B 222 22.93 -14.20 8.40
CA SER B 222 21.81 -15.12 8.44
C SER B 222 22.36 -16.51 8.71
N LYS B 223 21.55 -17.35 9.35
CA LYS B 223 21.98 -18.71 9.62
C LYS B 223 22.18 -19.45 8.29
N SER B 224 21.22 -19.30 7.38
CA SER B 224 21.30 -19.94 6.08
C SER B 224 20.36 -19.27 5.09
N VAL B 225 20.73 -19.32 3.82
CA VAL B 225 19.93 -18.73 2.75
C VAL B 225 19.67 -19.74 1.65
N THR B 226 18.41 -19.89 1.27
CA THR B 226 18.06 -20.72 0.13
C THR B 226 17.45 -19.85 -0.95
N ILE B 227 17.93 -20.00 -2.18
CA ILE B 227 17.34 -19.31 -3.31
C ILE B 227 16.61 -20.31 -4.18
N SER B 228 15.31 -20.11 -4.36
CA SER B 228 14.49 -21.03 -5.13
C SER B 228 14.09 -20.47 -6.49
N TYR B 229 14.53 -21.12 -7.55
CA TYR B 229 14.33 -20.61 -8.91
C TYR B 229 13.23 -21.35 -9.65
N ARG B 230 12.59 -20.66 -10.58
CA ARG B 230 11.54 -21.29 -11.38
C ARG B 230 12.11 -21.96 -12.62
N THR B 231 12.75 -21.17 -13.47
CA THR B 231 13.19 -21.66 -14.77
C THR B 231 14.67 -21.97 -14.78
N ASN B 232 15.49 -20.97 -14.46
CA ASN B 232 16.93 -21.12 -14.52
C ASN B 232 17.63 -20.68 -13.24
N PRO B 233 18.55 -21.52 -12.74
CA PRO B 233 19.36 -21.19 -11.57
C PRO B 233 20.26 -19.98 -11.86
N ILE B 234 20.75 -19.33 -10.81
CA ILE B 234 21.73 -18.28 -10.97
C ILE B 234 23.06 -18.92 -11.39
N GLY B 235 23.37 -20.06 -10.77
CA GLY B 235 24.51 -20.85 -11.16
C GLY B 235 25.84 -20.33 -10.64
N ALA B 236 25.79 -19.28 -9.85
CA ALA B 236 27.00 -18.75 -9.23
C ALA B 236 27.63 -19.81 -8.32
N LYS B 237 28.93 -19.72 -8.11
CA LYS B 237 29.58 -20.58 -7.12
C LYS B 237 29.34 -20.00 -5.74
N TRP B 238 28.40 -20.58 -5.01
CA TRP B 238 27.98 -20.08 -3.73
C TRP B 238 28.85 -20.56 -2.59
N PRO B 239 28.98 -19.74 -1.53
CA PRO B 239 29.65 -20.16 -0.30
C PRO B 239 28.72 -21.05 0.52
N LYS B 240 29.23 -21.64 1.59
CA LYS B 240 28.37 -22.37 2.52
C LYS B 240 27.54 -21.34 3.26
N GLY B 241 26.22 -21.51 3.24
CA GLY B 241 25.33 -20.51 3.80
C GLY B 241 24.37 -19.97 2.75
N ILE B 242 24.67 -20.25 1.49
CA ILE B 242 23.74 -19.97 0.41
C ILE B 242 23.64 -21.19 -0.46
N GLU B 243 22.41 -21.58 -0.79
CA GLU B 243 22.21 -22.68 -1.71
C GLU B 243 21.01 -22.40 -2.60
N GLU B 244 20.96 -23.08 -3.74
CA GLU B 244 19.85 -22.93 -4.67
C GLU B 244 19.03 -24.20 -4.72
N LYS B 245 17.73 -24.04 -4.94
CA LYS B 245 16.83 -25.17 -5.09
C LYS B 245 15.81 -24.83 -6.15
N PRO B 246 15.24 -25.85 -6.79
CA PRO B 246 14.17 -25.63 -7.76
C PRO B 246 12.95 -25.03 -7.08
N ILE B 247 11.86 -24.90 -7.82
CA ILE B 247 10.71 -24.12 -7.34
C ILE B 247 10.00 -24.75 -6.14
N VAL B 248 9.46 -23.90 -5.27
CA VAL B 248 8.64 -24.36 -4.17
C VAL B 248 7.32 -24.86 -4.73
N THR B 249 6.91 -26.07 -4.35
CA THR B 249 5.60 -26.57 -4.76
C THR B 249 4.51 -26.14 -3.78
N HIS B 250 4.83 -26.12 -2.49
CA HIS B 250 3.87 -25.69 -1.48
C HIS B 250 4.53 -25.59 -0.11
N PHE B 251 3.85 -24.90 0.79
CA PHE B 251 4.31 -24.79 2.17
C PHE B 251 3.42 -25.60 3.09
N GLU B 252 4.03 -26.22 4.09
CA GLU B 252 3.29 -26.86 5.17
C GLU B 252 3.81 -26.25 6.48
N ASP B 253 3.04 -25.31 7.04
CA ASP B 253 3.52 -24.51 8.16
C ASP B 253 4.86 -23.86 7.78
N ASN B 254 5.90 -24.04 8.59
CA ASN B 254 7.19 -23.43 8.28
C ASN B 254 8.10 -24.23 7.34
N VAL B 255 7.57 -25.34 6.79
CA VAL B 255 8.33 -26.19 5.88
C VAL B 255 8.01 -25.90 4.42
N ALA B 256 9.03 -25.54 3.65
CA ALA B 256 8.86 -25.44 2.20
C ALA B 256 9.21 -26.77 1.55
N HIS B 257 8.33 -27.23 0.65
CA HIS B 257 8.59 -28.42 -0.15
C HIS B 257 8.98 -28.00 -1.55
N PHE B 258 10.03 -28.63 -2.08
CA PHE B 258 10.57 -28.21 -3.37
C PHE B 258 10.32 -29.24 -4.48
N LYS B 259 10.46 -28.79 -5.72
CA LYS B 259 10.18 -29.62 -6.89
C LYS B 259 11.02 -30.90 -6.94
N ASP B 260 12.21 -30.86 -6.37
CA ASP B 260 13.09 -32.03 -6.34
C ASP B 260 12.75 -33.03 -5.22
N GLY B 261 11.66 -32.77 -4.50
CA GLY B 261 11.23 -33.66 -3.43
C GLY B 261 11.88 -33.42 -2.09
N SER B 262 12.74 -32.41 -2.00
CA SER B 262 13.35 -32.07 -0.72
C SER B 262 12.46 -31.07 0.02
N LYS B 263 12.78 -30.84 1.29
CA LYS B 263 12.03 -29.89 2.10
C LYS B 263 12.94 -29.30 3.16
N LYS B 264 12.63 -28.10 3.61
CA LYS B 264 13.41 -27.43 4.64
C LYS B 264 12.53 -26.49 5.43
N GLU B 265 12.87 -26.30 6.70
CA GLU B 265 12.16 -25.36 7.56
C GLU B 265 12.77 -23.98 7.41
N TYR B 266 11.94 -22.95 7.45
CA TYR B 266 12.41 -21.56 7.32
C TYR B 266 11.80 -20.63 8.35
N ASP B 267 12.54 -19.57 8.66
CA ASP B 267 12.09 -18.54 9.56
C ASP B 267 11.38 -17.43 8.79
N ALA B 268 11.82 -17.21 7.56
CA ALA B 268 11.29 -16.09 6.78
C ALA B 268 11.29 -16.42 5.29
N VAL B 269 10.31 -15.88 4.56
CA VAL B 269 10.25 -16.07 3.11
C VAL B 269 10.19 -14.70 2.45
N ILE B 270 11.08 -14.46 1.50
CA ILE B 270 11.11 -13.21 0.78
C ILE B 270 10.89 -13.50 -0.70
N LEU B 271 9.81 -12.99 -1.25
CA LEU B 271 9.50 -13.21 -2.65
C LEU B 271 10.19 -12.16 -3.49
N CYS B 272 11.16 -12.63 -4.27
CA CYS B 272 11.96 -11.78 -5.13
C CYS B 272 11.48 -11.97 -6.57
N THR B 273 10.18 -11.81 -6.74
CA THR B 273 9.48 -12.24 -7.95
C THR B 273 9.16 -11.09 -8.92
N GLY B 274 9.84 -9.97 -8.74
CA GLY B 274 9.74 -8.86 -9.67
C GLY B 274 8.54 -7.96 -9.44
N TYR B 275 8.24 -7.14 -10.45
CA TYR B 275 7.27 -6.05 -10.31
C TYR B 275 6.28 -6.00 -11.48
N GLN B 276 5.24 -5.19 -11.32
CA GLN B 276 4.27 -5.02 -12.39
C GLN B 276 4.28 -3.56 -12.85
N HIS B 277 3.96 -3.34 -14.12
CA HIS B 277 3.65 -1.99 -14.57
C HIS B 277 2.26 -1.72 -14.05
N LYS B 278 2.07 -0.59 -13.38
CA LYS B 278 0.79 -0.29 -12.77
C LYS B 278 0.55 1.20 -12.88
N PHE B 279 -0.57 1.59 -13.50
CA PHE B 279 -0.87 3.02 -13.68
C PHE B 279 -2.31 3.25 -13.25
N PRO B 280 -2.54 3.31 -11.93
CA PRO B 280 -3.92 3.40 -11.46
C PRO B 280 -4.60 4.69 -11.90
N PHE B 281 -3.81 5.71 -12.17
CA PHE B 281 -4.33 7.03 -12.55
C PHE B 281 -4.68 7.16 -14.03
N LEU B 282 -4.39 6.12 -14.81
CA LEU B 282 -4.70 6.14 -16.25
C LEU B 282 -5.90 5.26 -16.57
N PRO B 283 -6.78 5.73 -17.49
CA PRO B 283 -7.82 4.82 -17.99
C PRO B 283 -7.13 3.71 -18.76
N ASP B 284 -7.78 2.57 -18.86
CA ASP B 284 -7.03 1.40 -19.34
C ASP B 284 -6.62 1.56 -20.81
N ASN B 285 -7.32 2.39 -21.57
CA ASN B 285 -6.91 2.59 -22.97
C ASN B 285 -5.65 3.47 -23.11
N LEU B 286 -5.11 3.90 -21.99
CA LEU B 286 -3.88 4.68 -21.98
C LEU B 286 -2.79 3.94 -21.19
N ARG B 287 -3.10 2.73 -20.71
CA ARG B 287 -2.14 2.00 -19.91
C ARG B 287 -1.18 1.21 -20.78
N LEU B 288 0.08 1.19 -20.37
CA LEU B 288 1.02 0.18 -20.86
C LEU B 288 0.65 -1.12 -20.20
N LYS B 289 0.32 -2.11 -21.02
CA LYS B 289 0.01 -3.43 -20.52
C LYS B 289 1.09 -4.38 -21.04
N THR B 290 2.08 -4.63 -20.20
CA THR B 290 3.27 -5.34 -20.65
C THR B 290 3.90 -6.09 -19.50
N LYS B 291 4.60 -7.17 -19.83
CA LYS B 291 5.53 -7.77 -18.88
C LYS B 291 6.82 -6.95 -18.94
N ASN B 292 7.67 -7.11 -17.94
CA ASN B 292 8.93 -6.37 -17.90
C ASN B 292 9.86 -6.90 -18.98
N ASN B 293 10.26 -6.03 -19.91
CA ASN B 293 11.27 -6.42 -20.88
C ASN B 293 11.96 -5.21 -21.46
N LEU B 294 12.94 -5.43 -22.32
CA LEU B 294 13.77 -4.33 -22.78
C LEU B 294 13.06 -3.45 -23.81
N TYR B 295 11.90 -3.88 -24.28
CA TYR B 295 11.16 -3.09 -25.26
C TYR B 295 9.66 -3.36 -25.22
N PRO B 296 8.95 -2.73 -24.27
CA PRO B 296 7.50 -2.91 -24.20
C PRO B 296 6.81 -2.45 -25.47
N ASP B 297 5.83 -3.23 -25.90
CA ASP B 297 5.01 -2.95 -27.08
C ASP B 297 4.24 -1.65 -26.94
N ASN B 298 3.74 -1.13 -28.06
CA ASN B 298 2.86 0.03 -28.11
C ASN B 298 3.51 1.36 -27.75
N LEU B 299 4.83 1.43 -27.89
CA LEU B 299 5.59 2.65 -27.65
C LEU B 299 6.49 2.93 -28.85
N TYR B 300 6.12 3.94 -29.63
CA TYR B 300 6.99 4.32 -30.76
C TYR B 300 8.32 4.88 -30.23
N LYS B 301 9.44 4.37 -30.75
CA LYS B 301 10.78 4.66 -30.23
C LYS B 301 10.85 4.44 -28.72
N GLY B 302 9.98 3.57 -28.21
CA GLY B 302 10.00 3.21 -26.80
C GLY B 302 9.52 4.33 -25.88
N VAL B 303 8.93 5.37 -26.50
CA VAL B 303 8.59 6.57 -25.76
C VAL B 303 7.16 7.10 -25.99
N VAL B 304 6.74 7.18 -27.24
CA VAL B 304 5.45 7.78 -27.56
C VAL B 304 4.36 6.73 -27.58
N PHE B 305 3.32 6.91 -26.75
CA PHE B 305 2.25 5.93 -26.70
C PHE B 305 1.56 5.86 -28.05
N ASN B 306 1.58 4.68 -28.66
CA ASN B 306 1.19 4.57 -30.07
C ASN B 306 -0.28 4.88 -30.32
N GLU B 307 -1.14 4.55 -29.37
CA GLU B 307 -2.58 4.78 -29.57
C GLU B 307 -3.09 6.16 -29.14
N ASN B 308 -2.24 6.94 -28.47
CA ASN B 308 -2.54 8.34 -28.21
C ASN B 308 -1.21 9.06 -28.11
N GLU B 309 -0.81 9.70 -29.20
CA GLU B 309 0.55 10.19 -29.32
C GLU B 309 0.86 11.42 -28.46
N ARG B 310 -0.13 11.90 -27.69
CA ARG B 310 0.16 13.01 -26.79
C ARG B 310 0.56 12.51 -25.41
N LEU B 311 0.53 11.18 -25.24
CA LEU B 311 0.99 10.53 -24.02
C LEU B 311 2.38 9.94 -24.23
N ILE B 312 3.30 10.27 -23.34
CA ILE B 312 4.69 9.88 -23.46
C ILE B 312 5.08 9.11 -22.20
N PHE B 313 5.74 7.97 -22.35
CA PHE B 313 6.25 7.19 -21.22
C PHE B 313 7.77 7.17 -21.26
N LEU B 314 8.40 7.43 -20.10
CA LEU B 314 9.85 7.36 -20.00
C LEU B 314 10.27 6.27 -19.03
N GLY B 315 11.40 5.61 -19.31
CA GLY B 315 11.97 4.65 -18.39
C GLY B 315 11.19 3.36 -18.19
N MET B 316 10.24 3.06 -19.07
CA MET B 316 9.39 1.88 -18.87
C MET B 316 10.03 0.57 -19.31
N GLN B 317 11.18 0.68 -19.98
CA GLN B 317 11.97 -0.48 -20.33
C GLN B 317 12.71 -1.04 -19.12
N ASP B 318 12.99 -2.34 -19.15
CA ASP B 318 13.94 -2.93 -18.22
C ASP B 318 15.27 -2.26 -18.48
N GLN B 319 16.17 -2.27 -17.50
CA GLN B 319 17.31 -1.36 -17.56
C GLN B 319 18.67 -2.00 -17.29
N TYR B 320 19.57 -1.80 -18.25
CA TYR B 320 21.00 -1.84 -17.97
C TYR B 320 21.44 -0.39 -17.80
N TYR B 321 21.31 0.39 -18.86
CA TYR B 321 21.49 1.83 -18.81
C TYR B 321 20.33 2.43 -18.05
N THR B 322 20.59 3.48 -17.28
CA THR B 322 19.53 4.17 -16.55
C THR B 322 19.45 5.66 -16.89
N PHE B 323 20.15 6.50 -16.13
CA PHE B 323 20.09 7.96 -16.32
C PHE B 323 20.37 8.40 -17.75
N ASN B 324 21.45 7.90 -18.32
CA ASN B 324 21.80 8.31 -19.66
C ASN B 324 20.79 7.84 -20.69
N MET B 325 20.18 6.68 -20.47
CA MET B 325 19.10 6.25 -21.36
C MET B 325 17.90 7.19 -21.23
N PHE B 326 17.51 7.49 -20.01
CA PHE B 326 16.38 8.39 -19.80
C PHE B 326 16.64 9.75 -20.49
N ASP B 327 17.86 10.26 -20.42
CA ASP B 327 18.23 11.49 -21.13
C ASP B 327 17.93 11.38 -22.64
N THR B 328 18.35 10.28 -23.27
CA THR B 328 18.17 10.14 -24.72
C THR B 328 16.70 10.05 -25.06
N GLN B 329 15.93 9.42 -24.19
CA GLN B 329 14.48 9.37 -24.33
C GLN B 329 13.83 10.75 -24.19
N ALA B 330 14.24 11.48 -23.17
CA ALA B 330 13.67 12.80 -22.89
C ALA B 330 13.99 13.78 -24.02
N TRP B 331 15.22 13.74 -24.51
CA TRP B 331 15.59 14.64 -25.61
C TRP B 331 14.73 14.37 -26.84
N PHE B 332 14.52 13.10 -27.16
CA PHE B 332 13.62 12.73 -28.26
C PHE B 332 12.19 13.21 -27.99
N ALA B 333 11.68 12.97 -26.79
CA ALA B 333 10.33 13.40 -26.43
C ALA B 333 10.19 14.92 -26.57
N ARG B 334 11.21 15.64 -26.09
CA ARG B 334 11.26 17.08 -26.23
C ARG B 334 11.15 17.51 -27.69
N ASP B 335 12.03 16.98 -28.53
CA ASP B 335 12.05 17.39 -29.93
C ASP B 335 10.75 17.05 -30.62
N TYR B 336 10.17 15.90 -30.27
CA TYR B 336 8.84 15.58 -30.77
C TYR B 336 7.82 16.64 -30.35
N MET B 337 7.78 16.98 -29.06
CA MET B 337 6.82 17.95 -28.57
C MET B 337 7.00 19.32 -29.18
N LEU B 338 8.24 19.70 -29.47
CA LEU B 338 8.55 21.01 -30.02
C LEU B 338 8.36 21.08 -31.53
N GLY B 339 8.04 19.95 -32.15
CA GLY B 339 7.80 19.91 -33.58
C GLY B 339 9.07 19.73 -34.41
N ARG B 340 10.18 19.53 -33.72
CA ARG B 340 11.48 19.35 -34.35
C ARG B 340 11.58 17.96 -34.98
N ILE B 341 10.87 16.99 -34.41
CA ILE B 341 10.77 15.65 -34.96
C ILE B 341 9.34 15.39 -35.39
N ALA B 342 9.14 15.09 -36.66
CA ALA B 342 7.80 14.82 -37.18
C ALA B 342 7.41 13.39 -36.89
N LEU B 343 6.24 13.19 -36.29
CA LEU B 343 5.75 11.85 -36.04
C LEU B 343 5.23 11.22 -37.32
N PRO B 344 5.78 10.06 -37.70
CA PRO B 344 5.28 9.36 -38.90
C PRO B 344 3.87 8.85 -38.67
N ASN B 345 3.20 8.45 -39.76
CA ASN B 345 1.86 7.90 -39.64
C ASN B 345 1.80 6.58 -38.89
N LYS B 346 0.60 6.19 -38.51
CA LYS B 346 0.37 4.99 -37.70
C LYS B 346 0.95 3.73 -38.34
N GLU B 347 0.83 3.59 -39.65
CA GLU B 347 1.31 2.38 -40.30
C GLU B 347 2.83 2.29 -40.17
N ILE B 348 3.49 3.43 -40.34
CA ILE B 348 4.94 3.47 -40.25
C ILE B 348 5.38 3.19 -38.81
N ARG B 349 4.71 3.82 -37.85
CA ARG B 349 5.03 3.57 -36.43
C ARG B 349 4.82 2.10 -36.06
N ASP B 350 3.67 1.55 -36.45
CA ASP B 350 3.40 0.13 -36.21
C ASP B 350 4.55 -0.74 -36.70
N LYS B 351 5.03 -0.46 -37.91
CA LYS B 351 6.09 -1.25 -38.49
C LYS B 351 7.37 -1.17 -37.65
N ASP B 352 7.72 0.03 -37.23
CA ASP B 352 8.94 0.25 -36.47
C ASP B 352 8.85 -0.44 -35.12
N ILE B 353 7.68 -0.31 -34.49
CA ILE B 353 7.45 -0.96 -33.19
C ILE B 353 7.60 -2.46 -33.33
N ALA B 354 6.96 -3.04 -34.34
CA ALA B 354 7.04 -4.48 -34.54
C ALA B 354 8.49 -4.92 -34.74
N LYS B 355 9.27 -4.11 -35.45
CA LYS B 355 10.66 -4.48 -35.74
C LYS B 355 11.46 -4.61 -34.46
N TRP B 356 11.34 -3.61 -33.59
CA TRP B 356 12.09 -3.59 -32.34
C TRP B 356 11.57 -4.62 -31.35
N VAL B 357 10.26 -4.83 -31.35
CA VAL B 357 9.68 -5.88 -30.51
C VAL B 357 10.22 -7.24 -30.91
N GLU B 358 10.36 -7.46 -32.21
CA GLU B 358 10.93 -8.71 -32.71
C GLU B 358 12.42 -8.83 -32.41
N LEU B 359 13.16 -7.73 -32.53
CA LEU B 359 14.58 -7.75 -32.19
C LEU B 359 14.77 -8.12 -30.73
N GLU B 360 13.91 -7.58 -29.87
CA GLU B 360 13.99 -7.86 -28.45
C GLU B 360 13.75 -9.34 -28.15
N LYS B 361 12.69 -9.89 -28.73
CA LYS B 361 12.36 -11.30 -28.54
C LYS B 361 13.53 -12.20 -28.91
N THR B 362 14.25 -11.81 -29.95
CA THR B 362 15.39 -12.59 -30.47
C THR B 362 16.62 -12.54 -29.56
N SER B 363 16.67 -11.55 -28.66
CA SER B 363 17.78 -11.45 -27.72
C SER B 363 17.53 -12.39 -26.55
N VAL B 364 18.53 -13.20 -26.22
CA VAL B 364 18.37 -14.22 -25.18
C VAL B 364 19.41 -14.12 -24.06
N THR B 365 20.68 -14.07 -24.45
CA THR B 365 21.77 -14.06 -23.48
C THR B 365 21.97 -12.65 -22.94
N GLY B 366 22.72 -12.55 -21.85
CA GLY B 366 22.99 -11.27 -21.22
C GLY B 366 23.71 -10.32 -22.17
N GLU B 367 24.68 -10.85 -22.91
CA GLU B 367 25.41 -10.04 -23.87
C GLU B 367 24.51 -9.53 -24.98
N GLU B 368 23.59 -10.37 -25.44
CA GLU B 368 22.63 -9.96 -26.46
C GLU B 368 21.69 -8.86 -25.93
N HIS B 369 21.30 -8.98 -24.66
CA HIS B 369 20.47 -7.96 -24.01
C HIS B 369 21.18 -6.62 -23.95
N VAL B 370 22.43 -6.64 -23.51
CA VAL B 370 23.24 -5.42 -23.47
C VAL B 370 23.33 -4.79 -24.86
N ASP B 371 23.58 -5.61 -25.87
CA ASP B 371 23.73 -5.09 -27.23
C ASP B 371 22.41 -4.50 -27.74
N PHE B 372 21.31 -5.17 -27.42
CA PHE B 372 20.02 -4.65 -27.83
C PHE B 372 19.78 -3.26 -27.25
N GLN B 373 19.94 -3.10 -25.94
CA GLN B 373 19.65 -1.79 -25.36
C GLN B 373 20.64 -0.76 -25.89
N THR B 374 21.88 -1.17 -26.10
CA THR B 374 22.89 -0.26 -26.62
C THR B 374 22.46 0.23 -28.01
N ASP B 375 22.01 -0.70 -28.85
CA ASP B 375 21.49 -0.34 -30.17
C ASP B 375 20.27 0.56 -30.06
N TYR B 376 19.40 0.31 -29.10
CA TYR B 376 18.24 1.16 -28.91
C TYR B 376 18.65 2.62 -28.62
N ILE B 377 19.60 2.79 -27.70
CA ILE B 377 20.06 4.12 -27.34
C ILE B 377 20.81 4.78 -28.49
N LYS B 378 21.60 3.99 -29.21
CA LYS B 378 22.35 4.50 -30.36
C LYS B 378 21.40 5.17 -31.34
N GLU B 379 20.24 4.55 -31.58
CA GLU B 379 19.28 5.14 -32.51
C GLU B 379 18.70 6.45 -32.01
N LEU B 380 18.24 6.47 -30.75
CA LEU B 380 17.66 7.67 -30.16
C LEU B 380 18.60 8.87 -30.17
N ILE B 381 19.85 8.61 -29.82
CA ILE B 381 20.85 9.65 -29.69
C ILE B 381 21.09 10.33 -31.05
N GLU B 382 21.04 9.55 -32.14
CA GLU B 382 21.28 10.14 -33.45
C GLU B 382 20.13 11.04 -33.95
N MET B 383 19.00 11.01 -33.26
CA MET B 383 17.82 11.79 -33.66
C MET B 383 17.76 13.21 -33.08
N THR B 384 18.66 13.56 -32.17
CA THR B 384 18.55 14.83 -31.46
C THR B 384 19.91 15.47 -31.28
N ASP B 385 19.97 16.55 -30.52
CA ASP B 385 21.24 17.21 -30.25
C ASP B 385 21.91 16.70 -28.96
N TYR B 386 21.45 15.57 -28.43
CA TYR B 386 22.07 15.02 -27.23
C TYR B 386 23.55 14.69 -27.45
N PRO B 387 24.42 15.12 -26.54
CA PRO B 387 25.86 14.87 -26.72
C PRO B 387 26.18 13.39 -26.74
N THR B 388 26.98 12.96 -27.71
CA THR B 388 27.29 11.54 -27.81
C THR B 388 28.20 11.13 -26.66
N PHE B 389 28.16 9.85 -26.33
CA PHE B 389 29.15 9.27 -25.42
C PHE B 389 29.50 7.88 -25.93
N ASP B 390 30.53 7.28 -25.35
CA ASP B 390 31.08 6.05 -25.93
C ASP B 390 30.26 4.84 -25.53
N LEU B 391 29.14 4.66 -26.24
CA LEU B 391 28.24 3.54 -25.98
C LEU B 391 28.92 2.19 -26.15
N ASP B 392 29.81 2.09 -27.14
CA ASP B 392 30.48 0.82 -27.38
C ASP B 392 31.31 0.39 -26.16
N ARG B 393 32.04 1.35 -25.58
CA ARG B 393 32.85 1.08 -24.42
C ARG B 393 31.99 0.75 -23.21
N VAL B 394 30.90 1.49 -23.02
CA VAL B 394 30.01 1.20 -21.91
C VAL B 394 29.41 -0.19 -22.06
N ALA B 395 28.99 -0.54 -23.28
CA ALA B 395 28.44 -1.88 -23.52
C ALA B 395 29.45 -2.96 -23.13
N GLU B 396 30.71 -2.76 -23.49
CA GLU B 396 31.74 -3.74 -23.16
C GLU B 396 31.95 -3.85 -21.66
N MET B 397 31.80 -2.73 -20.95
CA MET B 397 31.90 -2.75 -19.50
C MET B 397 30.72 -3.49 -18.84
N PHE B 398 29.51 -3.33 -19.38
CA PHE B 398 28.36 -4.09 -18.88
C PHE B 398 28.63 -5.60 -19.10
N LYS B 399 29.20 -5.93 -20.25
CA LYS B 399 29.44 -7.34 -20.56
C LYS B 399 30.51 -7.91 -19.63
N SER B 400 31.52 -7.10 -19.35
CA SER B 400 32.57 -7.52 -18.43
C SER B 400 32.04 -7.73 -17.01
N TRP B 401 31.19 -6.80 -16.57
CA TRP B 401 30.49 -6.94 -15.29
C TRP B 401 29.71 -8.25 -15.20
N LEU B 402 28.90 -8.55 -16.21
CA LEU B 402 28.15 -9.80 -16.22
C LEU B 402 29.06 -11.02 -16.07
N ASN B 403 30.20 -10.98 -16.73
CA ASN B 403 31.19 -12.05 -16.61
C ASN B 403 31.86 -12.09 -15.24
N ASP B 404 32.04 -10.92 -14.62
CA ASP B 404 32.60 -10.87 -13.28
C ASP B 404 31.66 -11.53 -12.27
N LYS B 405 30.36 -11.24 -12.39
CA LYS B 405 29.36 -11.85 -11.50
C LYS B 405 29.31 -13.36 -11.66
N GLU B 406 29.44 -13.82 -12.89
CA GLU B 406 29.47 -15.26 -13.16
C GLU B 406 30.74 -15.89 -12.60
N THR B 407 31.83 -15.15 -12.64
CA THR B 407 33.14 -15.63 -12.20
C THR B 407 33.25 -15.71 -10.69
N ASN B 408 32.72 -14.70 -10.00
CA ASN B 408 32.80 -14.64 -8.55
C ASN B 408 31.74 -13.69 -8.02
N ILE B 409 30.63 -14.26 -7.56
CA ILE B 409 29.46 -13.49 -7.16
C ILE B 409 29.67 -12.70 -5.86
N LEU B 410 30.56 -13.17 -4.99
CA LEU B 410 30.79 -12.47 -3.73
C LEU B 410 31.72 -11.29 -3.86
N ASN B 411 32.64 -11.33 -4.83
CA ASN B 411 33.71 -10.34 -4.89
C ASN B 411 33.76 -9.44 -6.11
N TYR B 412 32.78 -9.54 -7.00
CA TYR B 412 32.84 -8.75 -8.23
C TYR B 412 32.85 -7.24 -7.99
N ARG B 413 32.34 -6.81 -6.83
CA ARG B 413 32.32 -5.38 -6.55
C ARG B 413 33.70 -4.85 -6.17
N ASP B 414 34.70 -5.72 -6.22
CA ASP B 414 36.07 -5.31 -5.92
C ASP B 414 36.81 -4.92 -7.19
N LYS B 415 36.25 -5.24 -8.35
CA LYS B 415 36.90 -4.92 -9.62
C LYS B 415 36.82 -3.42 -9.94
N VAL B 416 37.81 -2.92 -10.67
CA VAL B 416 37.81 -1.50 -11.06
C VAL B 416 37.74 -1.32 -12.57
N TYR B 417 37.11 -0.22 -12.98
CA TYR B 417 36.85 0.05 -14.38
C TYR B 417 37.28 1.46 -14.75
N THR B 418 37.30 1.73 -16.05
CA THR B 418 37.80 3.01 -16.52
C THR B 418 36.68 3.90 -17.07
N SER B 419 36.66 5.15 -16.61
CA SER B 419 35.66 6.11 -17.04
C SER B 419 35.74 6.37 -18.54
N VAL B 420 34.59 6.36 -19.20
CA VAL B 420 34.53 6.78 -20.60
C VAL B 420 34.38 8.29 -20.74
N MET B 421 34.18 8.97 -19.62
CA MET B 421 34.03 10.42 -19.64
C MET B 421 35.37 11.10 -19.42
N THR B 422 36.14 10.58 -18.46
CA THR B 422 37.38 11.25 -18.05
C THR B 422 38.64 10.43 -18.38
N GLY B 423 38.44 9.17 -18.74
CA GLY B 423 39.55 8.27 -19.00
C GLY B 423 40.26 7.80 -17.73
N VAL B 424 39.79 8.24 -16.58
CA VAL B 424 40.37 7.87 -15.29
C VAL B 424 39.94 6.47 -14.86
N THR B 425 40.89 5.68 -14.40
CA THR B 425 40.60 4.35 -13.87
C THR B 425 40.23 4.45 -12.40
N ALA B 426 39.13 3.82 -12.02
CA ALA B 426 38.71 3.81 -10.64
C ALA B 426 39.80 3.18 -9.79
N GLU B 427 39.85 3.55 -8.51
CA GLU B 427 40.85 3.02 -7.61
C GLU B 427 40.30 1.97 -6.65
N GLU B 428 41.08 0.92 -6.43
CA GLU B 428 40.72 -0.13 -5.48
C GLU B 428 40.22 0.44 -4.14
N HIS B 429 39.07 -0.03 -3.68
CA HIS B 429 38.53 0.45 -2.42
C HIS B 429 39.37 0.04 -1.22
N HIS B 430 39.30 0.80 -0.14
CA HIS B 430 40.11 0.53 1.04
C HIS B 430 39.74 -0.76 1.77
N THR B 431 38.56 -1.30 1.47
CA THR B 431 38.08 -2.51 2.13
C THR B 431 37.40 -3.39 1.10
N PRO B 432 37.74 -4.69 1.09
CA PRO B 432 37.05 -5.61 0.19
C PRO B 432 35.56 -5.64 0.50
N TRP B 433 34.74 -5.72 -0.55
CA TRP B 433 33.29 -5.59 -0.37
C TRP B 433 32.71 -6.55 0.66
N MET B 434 33.11 -7.82 0.57
CA MET B 434 32.61 -8.82 1.52
C MET B 434 32.89 -8.46 2.97
N LYS B 435 33.90 -7.64 3.19
CA LYS B 435 34.28 -7.25 4.55
C LYS B 435 33.69 -5.92 4.99
N GLU B 436 32.93 -5.29 4.11
CA GLU B 436 32.41 -3.96 4.41
C GLU B 436 30.92 -4.01 4.75
N LEU B 437 30.62 -3.99 6.06
CA LEU B 437 29.22 -4.04 6.52
C LEU B 437 28.72 -2.65 6.87
N ASP B 438 29.56 -1.65 6.64
CA ASP B 438 29.22 -0.25 6.90
C ASP B 438 29.08 0.44 5.55
N ASP B 439 27.85 0.82 5.18
CA ASP B 439 27.59 1.38 3.85
C ASP B 439 27.49 2.89 3.83
N SER B 440 27.94 3.54 4.91
CA SER B 440 27.82 4.98 5.04
C SER B 440 28.74 5.71 4.05
N LEU B 441 28.32 6.89 3.65
CA LEU B 441 29.15 7.75 2.81
C LEU B 441 30.45 8.12 3.52
N GLU B 442 30.35 8.37 4.82
CA GLU B 442 31.52 8.77 5.61
C GLU B 442 32.57 7.67 5.63
N ARG B 443 32.12 6.46 5.90
CA ARG B 443 33.02 5.31 5.90
C ARG B 443 33.65 5.11 4.52
N TYR B 444 32.85 5.26 3.46
CA TYR B 444 33.35 5.01 2.11
C TYR B 444 34.44 5.99 1.69
N LEU B 445 34.23 7.27 1.96
CA LEU B 445 35.20 8.31 1.55
C LEU B 445 36.32 8.50 2.59
N ASP B 446 36.19 7.84 3.74
CA ASP B 446 37.19 7.83 4.81
C ASP B 446 38.56 7.40 4.28
#